data_1YQB
# 
_entry.id   1YQB 
# 
_audit_conform.dict_name       mmcif_pdbx.dic 
_audit_conform.dict_version    5.376 
_audit_conform.dict_location   http://mmcif.pdb.org/dictionaries/ascii/mmcif_pdbx.dic 
# 
loop_
_database_2.database_id 
_database_2.database_code 
_database_2.pdbx_database_accession 
_database_2.pdbx_DOI 
PDB   1YQB         pdb_00001yqb 10.2210/pdb1yqb/pdb 
RCSB  RCSB031805   ?            ?                   
WWPDB D_1000031805 ?            ?                   
# 
_pdbx_database_status.status_code                     REL 
_pdbx_database_status.entry_id                        1YQB 
_pdbx_database_status.recvd_initial_deposition_date   2005-02-01 
_pdbx_database_status.deposit_site                    RCSB 
_pdbx_database_status.process_site                    RCSB 
_pdbx_database_status.status_code_sf                  REL 
_pdbx_database_status.status_code_mr                  ? 
_pdbx_database_status.SG_entry                        Y 
_pdbx_database_status.pdb_format_compatible           Y 
_pdbx_database_status.status_code_cs                  ? 
_pdbx_database_status.status_code_nmr_data            ? 
_pdbx_database_status.methods_development_category    ? 
# 
loop_
_audit_author.name 
_audit_author.pdbx_ordinal 
'Walker, J.R.'                         1  
'Xue, S.'                              2  
'Avvakumov, G.V.'                      3  
'Newman, E.M.'                         4  
'Mackenzie, F.'                        5  
'Sundstrom, M.'                        6  
'Arrowsmith, C.'                       7  
'Edwards, A.'                          8  
'Bochkarev, A.'                        9  
'Dhe-Paganon, S.'                      10 
'Structural Genomics Consortium (SGC)' 11 
# 
_citation.id                        primary 
_citation.title                     'The Ubiquitin-like domain of Human Ubiquilin 3' 
_citation.journal_abbrev            'To be Published' 
_citation.journal_volume            ? 
_citation.page_first                ? 
_citation.page_last                 ? 
_citation.year                      ? 
_citation.journal_id_ASTM           ? 
_citation.country                   ? 
_citation.journal_id_ISSN           ? 
_citation.journal_id_CSD            0353 
_citation.book_publisher            ? 
_citation.pdbx_database_id_PubMed   ? 
_citation.pdbx_database_id_DOI      ? 
# 
loop_
_citation_author.citation_id 
_citation_author.name 
_citation_author.ordinal 
_citation_author.identifier_ORCID 
primary 'Walker, J.R.'    1  ? 
primary 'Xue, S.'         2  ? 
primary 'Avvakumov, G.V.' 3  ? 
primary 'Newman, E.M.'    4  ? 
primary 'Mackenzie, F.'   5  ? 
primary 'Sundstrom, M.'   6  ? 
primary 'Arrowsmith, C.'  7  ? 
primary 'Edwards, A.'     8  ? 
primary 'Bochkarev, A.'   9  ? 
primary 'Dhe-Paganon, S.' 10 ? 
# 
_cell.entry_id           1YQB 
_cell.length_a           41.913 
_cell.length_b           41.913 
_cell.length_c           94.442 
_cell.angle_alpha        90.00 
_cell.angle_beta         90.00 
_cell.angle_gamma        90.00 
_cell.Z_PDB              8 
_cell.pdbx_unique_axis   ? 
# 
_symmetry.entry_id                         1YQB 
_symmetry.space_group_name_H-M             'P 43 21 2' 
_symmetry.pdbx_full_space_group_name_H-M   ? 
_symmetry.cell_setting                     ? 
_symmetry.Int_Tables_number                96 
_symmetry.space_group_name_Hall            ? 
# 
loop_
_entity.id 
_entity.type 
_entity.src_method 
_entity.pdbx_description 
_entity.formula_weight 
_entity.pdbx_number_of_molecules 
_entity.pdbx_ec 
_entity.pdbx_mutation 
_entity.pdbx_fragment 
_entity.details 
1 polymer man 'Ubiquilin 3' 11182.903 1  ? ? 'Ubiquitin-like domain, residues 19-99' ? 
2 water   nat water         18.015    57 ? ? ?                                       ? 
# 
_entity_poly.entity_id                      1 
_entity_poly.type                           'polypeptide(L)' 
_entity_poly.nstd_linkage                   no 
_entity_poly.nstd_monomer                   no 
_entity_poly.pdbx_seq_one_letter_code       
;MGSSHHHHHHSSGLVPRGSPHLIKVTVKTPKDKEDFSVTDTCTIQQLKEEISQRFKAHPDQLVLIFAGKILKDPDSLAQC
GVRDGLTVHLVIKRQHRAMG
;
_entity_poly.pdbx_seq_one_letter_code_can   
;MGSSHHHHHHSSGLVPRGSPHLIKVTVKTPKDKEDFSVTDTCTIQQLKEEISQRFKAHPDQLVLIFAGKILKDPDSLAQC
GVRDGLTVHLVIKRQHRAMG
;
_entity_poly.pdbx_strand_id                 A 
_entity_poly.pdbx_target_identifier         ? 
# 
loop_
_entity_poly_seq.entity_id 
_entity_poly_seq.num 
_entity_poly_seq.mon_id 
_entity_poly_seq.hetero 
1 1   MET n 
1 2   GLY n 
1 3   SER n 
1 4   SER n 
1 5   HIS n 
1 6   HIS n 
1 7   HIS n 
1 8   HIS n 
1 9   HIS n 
1 10  HIS n 
1 11  SER n 
1 12  SER n 
1 13  GLY n 
1 14  LEU n 
1 15  VAL n 
1 16  PRO n 
1 17  ARG n 
1 18  GLY n 
1 19  SER n 
1 20  PRO n 
1 21  HIS n 
1 22  LEU n 
1 23  ILE n 
1 24  LYS n 
1 25  VAL n 
1 26  THR n 
1 27  VAL n 
1 28  LYS n 
1 29  THR n 
1 30  PRO n 
1 31  LYS n 
1 32  ASP n 
1 33  LYS n 
1 34  GLU n 
1 35  ASP n 
1 36  PHE n 
1 37  SER n 
1 38  VAL n 
1 39  THR n 
1 40  ASP n 
1 41  THR n 
1 42  CYS n 
1 43  THR n 
1 44  ILE n 
1 45  GLN n 
1 46  GLN n 
1 47  LEU n 
1 48  LYS n 
1 49  GLU n 
1 50  GLU n 
1 51  ILE n 
1 52  SER n 
1 53  GLN n 
1 54  ARG n 
1 55  PHE n 
1 56  LYS n 
1 57  ALA n 
1 58  HIS n 
1 59  PRO n 
1 60  ASP n 
1 61  GLN n 
1 62  LEU n 
1 63  VAL n 
1 64  LEU n 
1 65  ILE n 
1 66  PHE n 
1 67  ALA n 
1 68  GLY n 
1 69  LYS n 
1 70  ILE n 
1 71  LEU n 
1 72  LYS n 
1 73  ASP n 
1 74  PRO n 
1 75  ASP n 
1 76  SER n 
1 77  LEU n 
1 78  ALA n 
1 79  GLN n 
1 80  CYS n 
1 81  GLY n 
1 82  VAL n 
1 83  ARG n 
1 84  ASP n 
1 85  GLY n 
1 86  LEU n 
1 87  THR n 
1 88  VAL n 
1 89  HIS n 
1 90  LEU n 
1 91  VAL n 
1 92  ILE n 
1 93  LYS n 
1 94  ARG n 
1 95  GLN n 
1 96  HIS n 
1 97  ARG n 
1 98  ALA n 
1 99  MET n 
1 100 GLY n 
# 
_entity_src_gen.entity_id                          1 
_entity_src_gen.pdbx_src_id                        1 
_entity_src_gen.pdbx_alt_source_flag               sample 
_entity_src_gen.pdbx_seq_type                      ? 
_entity_src_gen.pdbx_beg_seq_num                   ? 
_entity_src_gen.pdbx_end_seq_num                   ? 
_entity_src_gen.gene_src_common_name               human 
_entity_src_gen.gene_src_genus                     Homo 
_entity_src_gen.pdbx_gene_src_gene                 UBQLN3 
_entity_src_gen.gene_src_species                   ? 
_entity_src_gen.gene_src_strain                    ? 
_entity_src_gen.gene_src_tissue                    ? 
_entity_src_gen.gene_src_tissue_fraction           ? 
_entity_src_gen.gene_src_details                   ? 
_entity_src_gen.pdbx_gene_src_fragment             ? 
_entity_src_gen.pdbx_gene_src_scientific_name      'Homo sapiens' 
_entity_src_gen.pdbx_gene_src_ncbi_taxonomy_id     9606 
_entity_src_gen.pdbx_gene_src_variant              ? 
_entity_src_gen.pdbx_gene_src_cell_line            ? 
_entity_src_gen.pdbx_gene_src_atcc                 ? 
_entity_src_gen.pdbx_gene_src_organ                ? 
_entity_src_gen.pdbx_gene_src_organelle            ? 
_entity_src_gen.pdbx_gene_src_cell                 ? 
_entity_src_gen.pdbx_gene_src_cellular_location    ? 
_entity_src_gen.host_org_common_name               ? 
_entity_src_gen.pdbx_host_org_scientific_name      'Escherichia coli BL21(DE3)' 
_entity_src_gen.pdbx_host_org_ncbi_taxonomy_id     469008 
_entity_src_gen.host_org_genus                     Escherichia 
_entity_src_gen.pdbx_host_org_gene                 ? 
_entity_src_gen.pdbx_host_org_organ                ? 
_entity_src_gen.host_org_species                   'Escherichia coli' 
_entity_src_gen.pdbx_host_org_tissue               ? 
_entity_src_gen.pdbx_host_org_tissue_fraction      ? 
_entity_src_gen.pdbx_host_org_strain               'BL21 DE3' 
_entity_src_gen.pdbx_host_org_variant              ? 
_entity_src_gen.pdbx_host_org_cell_line            ? 
_entity_src_gen.pdbx_host_org_atcc                 ? 
_entity_src_gen.pdbx_host_org_culture_collection   ? 
_entity_src_gen.pdbx_host_org_cell                 ? 
_entity_src_gen.pdbx_host_org_organelle            ? 
_entity_src_gen.pdbx_host_org_cellular_location    ? 
_entity_src_gen.pdbx_host_org_vector_type          PLASMID 
_entity_src_gen.pdbx_host_org_vector               ? 
_entity_src_gen.host_org_details                   ? 
_entity_src_gen.expression_system_id               ? 
_entity_src_gen.plasmid_name                       pET28-LIC 
_entity_src_gen.plasmid_details                    ? 
_entity_src_gen.pdbx_description                   ? 
# 
_struct_ref.id                         1 
_struct_ref.db_name                    UNP 
_struct_ref.db_code                    UBQL3_HUMAN 
_struct_ref.pdbx_db_accession          Q9H347 
_struct_ref.entity_id                  1 
_struct_ref.pdbx_seq_one_letter_code   
;PHLIKVTVKTPKDKEDFSVTDTCTIQQLKEEISQRFKAHPDQLVLIFAGKILKDPDSLAQCGVRDGLTVHLVIKRQHRAM
G
;
_struct_ref.pdbx_align_begin           19 
_struct_ref.pdbx_db_isoform            ? 
# 
_struct_ref_seq.align_id                      1 
_struct_ref_seq.ref_id                        1 
_struct_ref_seq.pdbx_PDB_id_code              1YQB 
_struct_ref_seq.pdbx_strand_id                A 
_struct_ref_seq.seq_align_beg                 20 
_struct_ref_seq.pdbx_seq_align_beg_ins_code   ? 
_struct_ref_seq.seq_align_end                 100 
_struct_ref_seq.pdbx_seq_align_end_ins_code   ? 
_struct_ref_seq.pdbx_db_accession             Q9H347 
_struct_ref_seq.db_align_beg                  19 
_struct_ref_seq.pdbx_db_align_beg_ins_code    ? 
_struct_ref_seq.db_align_end                  99 
_struct_ref_seq.pdbx_db_align_end_ins_code    ? 
_struct_ref_seq.pdbx_auth_seq_align_beg       19 
_struct_ref_seq.pdbx_auth_seq_align_end       99 
# 
loop_
_struct_ref_seq_dif.align_id 
_struct_ref_seq_dif.pdbx_pdb_id_code 
_struct_ref_seq_dif.mon_id 
_struct_ref_seq_dif.pdbx_pdb_strand_id 
_struct_ref_seq_dif.seq_num 
_struct_ref_seq_dif.pdbx_pdb_ins_code 
_struct_ref_seq_dif.pdbx_seq_db_name 
_struct_ref_seq_dif.pdbx_seq_db_accession_code 
_struct_ref_seq_dif.db_mon_id 
_struct_ref_seq_dif.pdbx_seq_db_seq_num 
_struct_ref_seq_dif.details 
_struct_ref_seq_dif.pdbx_auth_seq_num 
_struct_ref_seq_dif.pdbx_ordinal 
1 1YQB MET A 1  ? UNP Q9H347 ? ? 'expression tag' 0  1  
1 1YQB GLY A 2  ? UNP Q9H347 ? ? 'expression tag' 1  2  
1 1YQB SER A 3  ? UNP Q9H347 ? ? 'expression tag' 2  3  
1 1YQB SER A 4  ? UNP Q9H347 ? ? 'expression tag' 3  4  
1 1YQB HIS A 5  ? UNP Q9H347 ? ? 'expression tag' 4  5  
1 1YQB HIS A 6  ? UNP Q9H347 ? ? 'expression tag' 5  6  
1 1YQB HIS A 7  ? UNP Q9H347 ? ? 'expression tag' 6  7  
1 1YQB HIS A 8  ? UNP Q9H347 ? ? 'expression tag' 7  8  
1 1YQB HIS A 9  ? UNP Q9H347 ? ? 'expression tag' 8  9  
1 1YQB HIS A 10 ? UNP Q9H347 ? ? 'expression tag' 9  10 
1 1YQB SER A 11 ? UNP Q9H347 ? ? 'expression tag' 10 11 
1 1YQB SER A 12 ? UNP Q9H347 ? ? 'expression tag' 11 12 
1 1YQB GLY A 13 ? UNP Q9H347 ? ? 'expression tag' 12 13 
1 1YQB LEU A 14 ? UNP Q9H347 ? ? 'expression tag' 13 14 
1 1YQB VAL A 15 ? UNP Q9H347 ? ? 'expression tag' 14 15 
1 1YQB PRO A 16 ? UNP Q9H347 ? ? 'expression tag' 15 16 
1 1YQB ARG A 17 ? UNP Q9H347 ? ? 'expression tag' 16 17 
1 1YQB GLY A 18 ? UNP Q9H347 ? ? 'expression tag' 17 18 
1 1YQB SER A 19 ? UNP Q9H347 ? ? 'expression tag' 18 19 
# 
loop_
_chem_comp.id 
_chem_comp.type 
_chem_comp.mon_nstd_flag 
_chem_comp.name 
_chem_comp.pdbx_synonyms 
_chem_comp.formula 
_chem_comp.formula_weight 
ALA 'L-peptide linking' y ALANINE         ? 'C3 H7 N O2'     89.093  
ARG 'L-peptide linking' y ARGININE        ? 'C6 H15 N4 O2 1' 175.209 
ASP 'L-peptide linking' y 'ASPARTIC ACID' ? 'C4 H7 N O4'     133.103 
CYS 'L-peptide linking' y CYSTEINE        ? 'C3 H7 N O2 S'   121.158 
GLN 'L-peptide linking' y GLUTAMINE       ? 'C5 H10 N2 O3'   146.144 
GLU 'L-peptide linking' y 'GLUTAMIC ACID' ? 'C5 H9 N O4'     147.129 
GLY 'peptide linking'   y GLYCINE         ? 'C2 H5 N O2'     75.067  
HIS 'L-peptide linking' y HISTIDINE       ? 'C6 H10 N3 O2 1' 156.162 
HOH non-polymer         . WATER           ? 'H2 O'           18.015  
ILE 'L-peptide linking' y ISOLEUCINE      ? 'C6 H13 N O2'    131.173 
LEU 'L-peptide linking' y LEUCINE         ? 'C6 H13 N O2'    131.173 
LYS 'L-peptide linking' y LYSINE          ? 'C6 H15 N2 O2 1' 147.195 
MET 'L-peptide linking' y METHIONINE      ? 'C5 H11 N O2 S'  149.211 
PHE 'L-peptide linking' y PHENYLALANINE   ? 'C9 H11 N O2'    165.189 
PRO 'L-peptide linking' y PROLINE         ? 'C5 H9 N O2'     115.130 
SER 'L-peptide linking' y SERINE          ? 'C3 H7 N O3'     105.093 
THR 'L-peptide linking' y THREONINE       ? 'C4 H9 N O3'     119.119 
VAL 'L-peptide linking' y VALINE          ? 'C5 H11 N O2'    117.146 
# 
_exptl.entry_id          1YQB 
_exptl.method            'X-RAY DIFFRACTION' 
_exptl.crystals_number   1 
# 
_exptl_crystal.id                    1 
_exptl_crystal.density_meas          ? 
_exptl_crystal.density_Matthews      1.98 
_exptl_crystal.density_percent_sol   37.32 
_exptl_crystal.description           ? 
_exptl_crystal.F_000                 ? 
_exptl_crystal.preparation           ? 
# 
_exptl_crystal_grow.crystal_id      1 
_exptl_crystal_grow.method          'VAPOR DIFFUSION, HANGING DROP' 
_exptl_crystal_grow.temp            298.0 
_exptl_crystal_grow.temp_details    ? 
_exptl_crystal_grow.pH              6.5 
_exptl_crystal_grow.pdbx_details    '2M(NH4)2SO4, 0.1M bis-Tris, pH 6.5, VAPOR DIFFUSION, HANGING DROP, temperature 298.0K' 
_exptl_crystal_grow.pdbx_pH_range   . 
# 
_diffrn.id                     1 
_diffrn.ambient_temp           100 
_diffrn.ambient_temp_details   ? 
_diffrn.crystal_id             1 
# 
_diffrn_detector.diffrn_id              1 
_diffrn_detector.detector               'IMAGE PLATE' 
_diffrn_detector.type                   'RIGAKU RAXIS IV++' 
_diffrn_detector.pdbx_collection_date   2005-01-29 
_diffrn_detector.details                ? 
# 
_diffrn_radiation.diffrn_id                        1 
_diffrn_radiation.wavelength_id                    1 
_diffrn_radiation.pdbx_monochromatic_or_laue_m_l   M 
_diffrn_radiation.monochromator                    ? 
_diffrn_radiation.pdbx_diffrn_protocol             'SINGLE WAVELENGTH' 
_diffrn_radiation.pdbx_scattering_type             x-ray 
# 
_diffrn_radiation_wavelength.id           1 
_diffrn_radiation_wavelength.wavelength   1.5418 
_diffrn_radiation_wavelength.wt           1.0 
# 
_diffrn_source.diffrn_id                   1 
_diffrn_source.source                      'ROTATING ANODE' 
_diffrn_source.type                        'RIGAKU FR-E' 
_diffrn_source.pdbx_synchrotron_site       ? 
_diffrn_source.pdbx_synchrotron_beamline   ? 
_diffrn_source.pdbx_wavelength             ? 
_diffrn_source.pdbx_wavelength_list        1.5418 
# 
_reflns.entry_id                     1YQB 
_reflns.observed_criterion_sigma_F   0. 
_reflns.observed_criterion_sigma_I   -3 
_reflns.d_resolution_high            2.0 
_reflns.d_resolution_low             30.0 
_reflns.number_all                   6167 
_reflns.number_obs                   6167 
_reflns.percent_possible_obs         99.7 
_reflns.pdbx_Rmerge_I_obs            0.061 
_reflns.pdbx_Rsym_value              ? 
_reflns.pdbx_netI_over_sigmaI        35.1 
_reflns.B_iso_Wilson_estimate        ? 
_reflns.pdbx_redundancy              ? 
_reflns.R_free_details               ? 
_reflns.limit_h_max                  ? 
_reflns.limit_h_min                  ? 
_reflns.limit_k_max                  ? 
_reflns.limit_k_min                  ? 
_reflns.limit_l_max                  ? 
_reflns.limit_l_min                  ? 
_reflns.observed_criterion_F_max     ? 
_reflns.observed_criterion_F_min     ? 
_reflns.pdbx_chi_squared             ? 
_reflns.pdbx_scaling_rejects         ? 
_reflns.pdbx_diffrn_id               1 
_reflns.pdbx_ordinal                 1 
# 
_reflns_shell.d_res_high             2.00 
_reflns_shell.d_res_low              2.07 
_reflns_shell.percent_possible_all   97.3 
_reflns_shell.Rmerge_I_obs           0.42 
_reflns_shell.pdbx_Rsym_value        ? 
_reflns_shell.meanI_over_sigI_obs    2.92 
_reflns_shell.pdbx_redundancy        ? 
_reflns_shell.percent_possible_obs   ? 
_reflns_shell.number_unique_all      ? 
_reflns_shell.number_measured_all    ? 
_reflns_shell.number_measured_obs    ? 
_reflns_shell.number_unique_obs      ? 
_reflns_shell.pdbx_chi_squared       ? 
_reflns_shell.pdbx_diffrn_id         ? 
_reflns_shell.pdbx_ordinal           1 
# 
_refine.entry_id                                 1YQB 
_refine.ls_number_reflns_obs                     6126 
_refine.ls_number_reflns_all                     6127 
_refine.pdbx_ls_sigma_I                          ? 
_refine.pdbx_ls_sigma_F                          0.0 
_refine.pdbx_data_cutoff_high_absF               ? 
_refine.pdbx_data_cutoff_low_absF                ? 
_refine.pdbx_data_cutoff_high_rms_absF           ? 
_refine.ls_d_res_low                             30.00 
_refine.ls_d_res_high                            2.00 
_refine.ls_percent_reflns_obs                    99.67 
_refine.ls_R_factor_obs                          0.18725 
_refine.ls_R_factor_all                          ? 
_refine.ls_R_factor_R_work                       0.18487 
_refine.ls_R_factor_R_free                       0.23993 
_refine.ls_R_factor_R_free_error                 ? 
_refine.ls_R_factor_R_free_error_details         ? 
_refine.ls_percent_reflns_R_free                 4.5 
_refine.ls_number_reflns_R_free                  276 
_refine.ls_number_parameters                     ? 
_refine.ls_number_restraints                     ? 
_refine.occupancy_min                            ? 
_refine.occupancy_max                            ? 
_refine.correlation_coeff_Fo_to_Fc               0.962 
_refine.correlation_coeff_Fo_to_Fc_free          0.949 
_refine.B_iso_mean                               33.114 
_refine.aniso_B[1][1]                            -0.08 
_refine.aniso_B[2][2]                            -0.08 
_refine.aniso_B[3][3]                            0.17 
_refine.aniso_B[1][2]                            0.00 
_refine.aniso_B[1][3]                            0.00 
_refine.aniso_B[2][3]                            0.00 
_refine.solvent_model_details                    'BABINET MODEL WITH MASK' 
_refine.solvent_model_param_ksol                 ? 
_refine.solvent_model_param_bsol                 ? 
_refine.pdbx_solvent_vdw_probe_radii             1.20 
_refine.pdbx_solvent_ion_probe_radii             0.80 
_refine.pdbx_solvent_shrinkage_radii             0.80 
_refine.pdbx_ls_cross_valid_method               THROUGHOUT 
_refine.details                                  'HYDROGENS HAVE BEEN ADDED IN THE RIDING POSITIONS' 
_refine.pdbx_starting_model                      'PDB entry 1XD3' 
_refine.pdbx_method_to_determine_struct          'MOLECULAR REPLACEMENT' 
_refine.pdbx_isotropic_thermal_model             ? 
_refine.pdbx_stereochemistry_target_values       'MAXIMUM LIKELIHOOD' 
_refine.pdbx_stereochem_target_val_spec_case     ? 
_refine.pdbx_R_Free_selection_details            RANDOM 
_refine.pdbx_overall_ESU_R                       0.192 
_refine.pdbx_overall_ESU_R_Free                  0.174 
_refine.overall_SU_ML                            0.125 
_refine.overall_SU_B                             4.652 
_refine.ls_redundancy_reflns_obs                 ? 
_refine.B_iso_min                                ? 
_refine.B_iso_max                                ? 
_refine.overall_SU_R_Cruickshank_DPI             ? 
_refine.overall_SU_R_free                        ? 
_refine.ls_wR_factor_R_free                      ? 
_refine.ls_wR_factor_R_work                      ? 
_refine.overall_FOM_free_R_set                   ? 
_refine.overall_FOM_work_R_set                   ? 
_refine.pdbx_refine_id                           'X-RAY DIFFRACTION' 
_refine.pdbx_diffrn_id                           1 
_refine.pdbx_TLS_residual_ADP_flag               ? 
_refine.pdbx_overall_phase_error                 ? 
_refine.pdbx_overall_SU_R_free_Cruickshank_DPI   ? 
_refine.pdbx_overall_SU_R_Blow_DPI               ? 
_refine.pdbx_overall_SU_R_free_Blow_DPI          ? 
# 
_refine_hist.pdbx_refine_id                   'X-RAY DIFFRACTION' 
_refine_hist.cycle_id                         LAST 
_refine_hist.pdbx_number_atoms_protein        689 
_refine_hist.pdbx_number_atoms_nucleic_acid   0 
_refine_hist.pdbx_number_atoms_ligand         0 
_refine_hist.number_atoms_solvent             57 
_refine_hist.number_atoms_total               746 
_refine_hist.d_res_high                       2.00 
_refine_hist.d_res_low                        30.00 
# 
loop_
_refine_ls_restr.type 
_refine_ls_restr.dev_ideal 
_refine_ls_restr.dev_ideal_target 
_refine_ls_restr.weight 
_refine_ls_restr.number 
_refine_ls_restr.pdbx_refine_id 
_refine_ls_restr.pdbx_restraint_function 
r_bond_refined_d         0.021  0.022  ? 700 'X-RAY DIFFRACTION' ? 
r_angle_refined_deg      1.801  1.981  ? 943 'X-RAY DIFFRACTION' ? 
r_dihedral_angle_1_deg   6.330  5.000  ? 87  'X-RAY DIFFRACTION' ? 
r_dihedral_angle_2_deg   33.178 23.929 ? 28  'X-RAY DIFFRACTION' ? 
r_dihedral_angle_3_deg   14.686 15.000 ? 137 'X-RAY DIFFRACTION' ? 
r_dihedral_angle_4_deg   22.338 15.000 ? 5   'X-RAY DIFFRACTION' ? 
r_chiral_restr           0.105  0.200  ? 112 'X-RAY DIFFRACTION' ? 
r_gen_planes_refined     0.008  0.020  ? 502 'X-RAY DIFFRACTION' ? 
r_nbd_refined            0.211  0.200  ? 253 'X-RAY DIFFRACTION' ? 
r_nbtor_refined          0.300  0.200  ? 464 'X-RAY DIFFRACTION' ? 
r_xyhbond_nbd_refined    0.158  0.200  ? 42  'X-RAY DIFFRACTION' ? 
r_symmetry_vdw_refined   0.236  0.200  ? 44  'X-RAY DIFFRACTION' ? 
r_symmetry_hbond_refined 0.297  0.200  ? 10  'X-RAY DIFFRACTION' ? 
r_mcbond_it              1.238  1.500  ? 457 'X-RAY DIFFRACTION' ? 
r_mcangle_it             1.969  2.000  ? 717 'X-RAY DIFFRACTION' ? 
r_scbond_it              3.210  3.000  ? 268 'X-RAY DIFFRACTION' ? 
r_scangle_it             5.324  4.500  ? 226 'X-RAY DIFFRACTION' ? 
# 
_refine_ls_shell.pdbx_total_number_of_bins_used   20 
_refine_ls_shell.d_res_high                       2.001 
_refine_ls_shell.d_res_low                        2.053 
_refine_ls_shell.number_reflns_R_work             386 
_refine_ls_shell.R_factor_R_work                  0.271 
_refine_ls_shell.percent_reflns_obs               96.01 
_refine_ls_shell.R_factor_R_free                  0.323 
_refine_ls_shell.R_factor_R_free_error            ? 
_refine_ls_shell.percent_reflns_R_free            ? 
_refine_ls_shell.number_reflns_R_free             23 
_refine_ls_shell.number_reflns_obs                ? 
_refine_ls_shell.redundancy_reflns_obs            ? 
_refine_ls_shell.number_reflns_all                ? 
_refine_ls_shell.pdbx_refine_id                   'X-RAY DIFFRACTION' 
_refine_ls_shell.R_factor_all                     ? 
# 
_struct.entry_id                  1YQB 
_struct.title                     'Human Ubiquilin 3' 
_struct.pdbx_model_details        ? 
_struct.pdbx_CASP_flag            ? 
_struct.pdbx_model_type_details   ? 
# 
_struct_keywords.entry_id        1YQB 
_struct_keywords.pdbx_keywords   'SIGNALING PROTEIN' 
_struct_keywords.text            
'Structural Genomics Consortium, Ubiquitin, Ubiquitin-like domain, Ubiquilin 3, Structural Genomics, SIGNALING PROTEIN, SGC' 
# 
loop_
_struct_asym.id 
_struct_asym.pdbx_blank_PDB_chainid_flag 
_struct_asym.pdbx_modified 
_struct_asym.entity_id 
_struct_asym.details 
A N N 1 ? 
B N N 2 ? 
# 
_struct_biol.id                    1 
_struct_biol.pdbx_parent_biol_id   ? 
_struct_biol.details               ? 
# 
loop_
_struct_conf.conf_type_id 
_struct_conf.id 
_struct_conf.pdbx_PDB_helix_id 
_struct_conf.beg_label_comp_id 
_struct_conf.beg_label_asym_id 
_struct_conf.beg_label_seq_id 
_struct_conf.pdbx_beg_PDB_ins_code 
_struct_conf.end_label_comp_id 
_struct_conf.end_label_asym_id 
_struct_conf.end_label_seq_id 
_struct_conf.pdbx_end_PDB_ins_code 
_struct_conf.beg_auth_comp_id 
_struct_conf.beg_auth_asym_id 
_struct_conf.beg_auth_seq_id 
_struct_conf.end_auth_comp_id 
_struct_conf.end_auth_asym_id 
_struct_conf.end_auth_seq_id 
_struct_conf.pdbx_PDB_helix_class 
_struct_conf.details 
_struct_conf.pdbx_PDB_helix_length 
HELX_P HELX_P1 1 THR A 43 ? LYS A 56 ? THR A 42 LYS A 55 1 ? 14 
HELX_P HELX_P2 2 HIS A 58 ? ASP A 60 ? HIS A 57 ASP A 59 5 ? 3  
HELX_P HELX_P3 3 SER A 76 ? GLY A 81 ? SER A 75 GLY A 80 1 ? 6  
# 
_struct_conf_type.id          HELX_P 
_struct_conf_type.criteria    ? 
_struct_conf_type.reference   ? 
# 
_struct_sheet.id               A 
_struct_sheet.type             ? 
_struct_sheet.number_strands   5 
_struct_sheet.details          ? 
# 
loop_
_struct_sheet_order.sheet_id 
_struct_sheet_order.range_id_1 
_struct_sheet_order.range_id_2 
_struct_sheet_order.offset 
_struct_sheet_order.sense 
A 1 2 ? anti-parallel 
A 2 3 ? parallel      
A 3 4 ? anti-parallel 
A 4 5 ? anti-parallel 
# 
loop_
_struct_sheet_range.sheet_id 
_struct_sheet_range.id 
_struct_sheet_range.beg_label_comp_id 
_struct_sheet_range.beg_label_asym_id 
_struct_sheet_range.beg_label_seq_id 
_struct_sheet_range.pdbx_beg_PDB_ins_code 
_struct_sheet_range.end_label_comp_id 
_struct_sheet_range.end_label_asym_id 
_struct_sheet_range.end_label_seq_id 
_struct_sheet_range.pdbx_end_PDB_ins_code 
_struct_sheet_range.beg_auth_comp_id 
_struct_sheet_range.beg_auth_asym_id 
_struct_sheet_range.beg_auth_seq_id 
_struct_sheet_range.end_auth_comp_id 
_struct_sheet_range.end_auth_asym_id 
_struct_sheet_range.end_auth_seq_id 
A 1 LYS A 33 ? THR A 39 ? LYS A 32 THR A 38 
A 2 LEU A 22 ? LYS A 28 ? LEU A 21 LYS A 27 
A 3 THR A 87 ? ILE A 92 ? THR A 86 ILE A 91 
A 4 LEU A 62 ? PHE A 66 ? LEU A 61 PHE A 65 
A 5 LYS A 69 ? ILE A 70 ? LYS A 68 ILE A 69 
# 
loop_
_pdbx_struct_sheet_hbond.sheet_id 
_pdbx_struct_sheet_hbond.range_id_1 
_pdbx_struct_sheet_hbond.range_id_2 
_pdbx_struct_sheet_hbond.range_1_label_atom_id 
_pdbx_struct_sheet_hbond.range_1_label_comp_id 
_pdbx_struct_sheet_hbond.range_1_label_asym_id 
_pdbx_struct_sheet_hbond.range_1_label_seq_id 
_pdbx_struct_sheet_hbond.range_1_PDB_ins_code 
_pdbx_struct_sheet_hbond.range_1_auth_atom_id 
_pdbx_struct_sheet_hbond.range_1_auth_comp_id 
_pdbx_struct_sheet_hbond.range_1_auth_asym_id 
_pdbx_struct_sheet_hbond.range_1_auth_seq_id 
_pdbx_struct_sheet_hbond.range_2_label_atom_id 
_pdbx_struct_sheet_hbond.range_2_label_comp_id 
_pdbx_struct_sheet_hbond.range_2_label_asym_id 
_pdbx_struct_sheet_hbond.range_2_label_seq_id 
_pdbx_struct_sheet_hbond.range_2_PDB_ins_code 
_pdbx_struct_sheet_hbond.range_2_auth_atom_id 
_pdbx_struct_sheet_hbond.range_2_auth_comp_id 
_pdbx_struct_sheet_hbond.range_2_auth_asym_id 
_pdbx_struct_sheet_hbond.range_2_auth_seq_id 
A 1 2 O GLU A 34 ? O GLU A 33 N VAL A 27 ? N VAL A 26 
A 2 3 N THR A 26 ? N THR A 25 O VAL A 88 ? O VAL A 87 
A 3 4 O HIS A 89 ? O HIS A 88 N ILE A 65 ? N ILE A 64 
A 4 5 N PHE A 66 ? N PHE A 65 O LYS A 69 ? O LYS A 68 
# 
_atom_sites.entry_id                    1YQB 
_atom_sites.fract_transf_matrix[1][1]   -0.01128574 
_atom_sites.fract_transf_matrix[1][2]   -0.00277796 
_atom_sites.fract_transf_matrix[1][3]   0.02083667 
_atom_sites.fract_transf_matrix[2][1]   -0.02082762 
_atom_sites.fract_transf_matrix[2][2]   -0.00172308 
_atom_sites.fract_transf_matrix[2][3]   -0.01151056 
_atom_sites.fract_transf_matrix[3][1]   0.00126266 
_atom_sites.fract_transf_matrix[3][2]   -0.01048914 
_atom_sites.fract_transf_matrix[3][3]   -0.00071453 
_atom_sites.fract_transf_vector[1]      0.254908 
_atom_sites.fract_transf_vector[2]      0.604361 
_atom_sites.fract_transf_vector[3]      0.382564 
# 
loop_
_atom_type.symbol 
C 
N 
O 
S 
# 
loop_
_atom_site.group_PDB 
_atom_site.id 
_atom_site.type_symbol 
_atom_site.label_atom_id 
_atom_site.label_alt_id 
_atom_site.label_comp_id 
_atom_site.label_asym_id 
_atom_site.label_entity_id 
_atom_site.label_seq_id 
_atom_site.pdbx_PDB_ins_code 
_atom_site.Cartn_x 
_atom_site.Cartn_y 
_atom_site.Cartn_z 
_atom_site.occupancy 
_atom_site.B_iso_or_equiv 
_atom_site.pdbx_formal_charge 
_atom_site.auth_seq_id 
_atom_site.auth_comp_id 
_atom_site.auth_asym_id 
_atom_site.auth_atom_id 
_atom_site.pdbx_PDB_model_num 
ATOM   1   N N   . SER A 1 12 ? 16.038  24.681  3.494   1.00 49.49 ? 11  SER A N   1 
ATOM   2   C CA  . SER A 1 12 ? 17.281  25.182  4.197   1.00 48.82 ? 11  SER A CA  1 
ATOM   3   C C   . SER A 1 12 ? 18.565  24.553  3.603   1.00 47.35 ? 11  SER A C   1 
ATOM   4   O O   . SER A 1 12 ? 18.623  23.313  3.399   1.00 46.27 ? 11  SER A O   1 
ATOM   5   C CB  . SER A 1 12 ? 17.219  24.934  5.710   1.00 49.81 ? 11  SER A CB  1 
ATOM   6   O OG  . SER A 1 12 ? 18.017  25.895  6.425   1.00 53.01 ? 11  SER A OG  1 
ATOM   7   N N   . GLY A 1 13 ? 19.568  25.407  3.324   1.00 44.59 ? 12  GLY A N   1 
ATOM   8   C CA  . GLY A 1 13 ? 20.738  24.997  2.590   1.00 41.82 ? 12  GLY A CA  1 
ATOM   9   C C   . GLY A 1 13 ? 20.342  24.490  1.212   1.00 40.79 ? 12  GLY A C   1 
ATOM   10  O O   . GLY A 1 13 ? 19.407  25.018  0.598   1.00 39.59 ? 12  GLY A O   1 
ATOM   11  N N   . LEU A 1 14 ? 21.054  23.460  0.742   1.00 39.76 ? 13  LEU A N   1 
ATOM   12  C CA  . LEU A 1 14 ? 20.836  22.830  -0.564  1.00 39.69 ? 13  LEU A CA  1 
ATOM   13  C C   . LEU A 1 14 ? 19.661  21.817  -0.641  1.00 39.39 ? 13  LEU A C   1 
ATOM   14  O O   . LEU A 1 14 ? 19.333  21.308  -1.719  1.00 38.39 ? 13  LEU A O   1 
ATOM   15  C CB  . LEU A 1 14 ? 22.137  22.137  -1.039  1.00 39.04 ? 13  LEU A CB  1 
ATOM   16  C CG  . LEU A 1 14 ? 23.456  22.896  -1.100  1.00 39.05 ? 13  LEU A CG  1 
ATOM   17  C CD1 . LEU A 1 14 ? 24.540  21.929  -1.503  1.00 35.75 ? 13  LEU A CD1 1 
ATOM   18  C CD2 . LEU A 1 14 ? 23.402  24.064  -2.090  1.00 42.00 ? 13  LEU A CD2 1 
ATOM   19  N N   . VAL A 1 15 ? 19.052  21.511  0.501   1.00 39.65 ? 14  VAL A N   1 
ATOM   20  C CA  . VAL A 1 15 ? 18.108  20.383  0.592   1.00 39.90 ? 14  VAL A CA  1 
ATOM   21  C C   . VAL A 1 15 ? 16.662  20.873  0.635   1.00 41.01 ? 14  VAL A C   1 
ATOM   22  O O   . VAL A 1 15 ? 16.331  21.684  1.488   1.00 40.35 ? 14  VAL A O   1 
ATOM   23  C CB  . VAL A 1 15 ? 18.411  19.511  1.863   1.00 39.73 ? 14  VAL A CB  1 
ATOM   24  C CG1 . VAL A 1 15 ? 17.370  18.414  2.050   1.00 37.02 ? 14  VAL A CG1 1 
ATOM   25  C CG2 . VAL A 1 15 ? 19.802  18.931  1.756   1.00 37.02 ? 14  VAL A CG2 1 
ATOM   26  N N   . PRO A 1 16 ? 15.799  20.376  -0.272  1.00 42.59 ? 15  PRO A N   1 
ATOM   27  C CA  . PRO A 1 16 ? 14.358  20.729  -0.277  1.00 44.53 ? 15  PRO A CA  1 
ATOM   28  C C   . PRO A 1 16 ? 13.537  20.159  0.924   1.00 46.69 ? 15  PRO A C   1 
ATOM   29  O O   . PRO A 1 16 ? 13.979  19.224  1.596   1.00 46.28 ? 15  PRO A O   1 
ATOM   30  C CB  . PRO A 1 16 ? 13.869  20.117  -1.593  1.00 44.18 ? 15  PRO A CB  1 
ATOM   31  C CG  . PRO A 1 16 ? 14.767  18.936  -1.792  1.00 43.67 ? 15  PRO A CG  1 
ATOM   32  C CD  . PRO A 1 16 ? 16.133  19.436  -1.360  1.00 42.72 ? 15  PRO A CD  1 
ATOM   33  N N   . ARG A 1 17 ? 12.356  20.725  1.184   1.00 48.93 ? 16  ARG A N   1 
ATOM   34  C CA  . ARG A 1 17 ? 11.492  20.262  2.270   1.00 51.72 ? 16  ARG A CA  1 
ATOM   35  C C   . ARG A 1 17 ? 10.879  18.918  1.900   1.00 51.07 ? 16  ARG A C   1 
ATOM   36  O O   . ARG A 1 17 ? 10.687  18.077  2.764   1.00 51.63 ? 16  ARG A O   1 
ATOM   37  C CB  . ARG A 1 17 ? 10.391  21.297  2.617   1.00 52.04 ? 16  ARG A CB  1 
ATOM   38  C CG  . ARG A 1 17 ? 9.468   21.673  1.428   1.00 55.42 ? 16  ARG A CG  1 
ATOM   39  C CD  . ARG A 1 17 ? 8.135   22.374  1.810   1.00 56.86 ? 16  ARG A CD  1 
ATOM   40  N NE  . ARG A 1 17 ? 7.067   21.481  2.323   1.00 66.38 ? 16  ARG A NE  1 
ATOM   41  C CZ  . ARG A 1 17 ? 6.395   20.546  1.630   1.00 69.33 ? 16  ARG A CZ  1 
ATOM   42  N NH1 . ARG A 1 17 ? 6.668   20.289  0.337   1.00 70.00 ? 16  ARG A NH1 1 
ATOM   43  N NH2 . ARG A 1 17 ? 5.438   19.840  2.247   1.00 70.79 ? 16  ARG A NH2 1 
ATOM   44  N N   . GLY A 1 18 ? 10.582  18.704  0.624   1.00 50.88 ? 17  GLY A N   1 
ATOM   45  C CA  . GLY A 1 18 ? 9.977   17.432  0.207   1.00 50.96 ? 17  GLY A CA  1 
ATOM   46  C C   . GLY A 1 18 ? 10.705  16.680  -0.898  1.00 50.67 ? 17  GLY A C   1 
ATOM   47  O O   . GLY A 1 18 ? 11.843  17.032  -1.271  1.00 51.67 ? 17  GLY A O   1 
ATOM   48  N N   . SER A 1 19 ? 10.044  15.657  -1.446  1.00 50.07 ? 18  SER A N   1 
ATOM   49  C CA  . SER A 1 19 ? 10.618  14.842  -2.517  1.00 49.21 ? 18  SER A CA  1 
ATOM   50  C C   . SER A 1 19 ? 9.548   14.278  -3.458  1.00 50.11 ? 18  SER A C   1 
ATOM   51  O O   . SER A 1 19 ? 8.443   13.968  -3.001  1.00 49.87 ? 18  SER A O   1 
ATOM   52  C CB  . SER A 1 19 ? 11.433  13.702  -1.923  1.00 49.13 ? 18  SER A CB  1 
ATOM   53  O OG  . SER A 1 19 ? 11.845  12.808  -2.941  1.00 45.93 ? 18  SER A OG  1 
ATOM   54  N N   . PRO A 1 20 ? 9.867   14.187  -4.780  1.00 50.80 ? 19  PRO A N   1 
ATOM   55  C CA  . PRO A 1 20 ? 9.139   13.457  -5.842  1.00 51.30 ? 19  PRO A CA  1 
ATOM   56  C C   . PRO A 1 20 ? 8.971   11.953  -5.589  1.00 51.02 ? 19  PRO A C   1 
ATOM   57  O O   . PRO A 1 20 ? 7.997   11.328  -6.048  1.00 51.44 ? 19  PRO A O   1 
ATOM   58  C CB  . PRO A 1 20 ? 10.062  13.633  -7.082  1.00 51.38 ? 19  PRO A CB  1 
ATOM   59  C CG  . PRO A 1 20 ? 11.403  14.024  -6.527  1.00 50.83 ? 19  PRO A CG  1 
ATOM   60  C CD  . PRO A 1 20 ? 11.015  14.905  -5.372  1.00 51.13 ? 19  PRO A CD  1 
ATOM   61  N N   . HIS A 1 21 ? 9.950   11.362  -4.922  1.00 49.74 ? 20  HIS A N   1 
ATOM   62  C CA  . HIS A 1 21 ? 9.893   9.956   -4.655  1.00 49.08 ? 20  HIS A CA  1 
ATOM   63  C C   . HIS A 1 21 ? 8.960   9.619   -3.486  1.00 46.97 ? 20  HIS A C   1 
ATOM   64  O O   . HIS A 1 21 ? 8.654   8.452   -3.266  1.00 47.22 ? 20  HIS A O   1 
ATOM   65  C CB  . HIS A 1 21 ? 11.320  9.404   -4.473  1.00 50.33 ? 20  HIS A CB  1 
ATOM   66  C CG  . HIS A 1 21 ? 12.096  9.358   -5.755  1.00 54.34 ? 20  HIS A CG  1 
ATOM   67  N ND1 . HIS A 1 21 ? 12.124  8.242   -6.570  1.00 58.87 ? 20  HIS A ND1 1 
ATOM   68  C CD2 . HIS A 1 21 ? 12.813  10.314  -6.395  1.00 57.69 ? 20  HIS A CD2 1 
ATOM   69  C CE1 . HIS A 1 21 ? 12.854  8.504   -7.641  1.00 59.63 ? 20  HIS A CE1 1 
ATOM   70  N NE2 . HIS A 1 21 ? 13.276  9.757   -7.563  1.00 59.90 ? 20  HIS A NE2 1 
ATOM   71  N N   . LEU A 1 22 ? 8.501   10.628  -2.752  1.00 44.02 ? 21  LEU A N   1 
ATOM   72  C CA  . LEU A 1 22 ? 7.761   10.370  -1.536  1.00 42.06 ? 21  LEU A CA  1 
ATOM   73  C C   . LEU A 1 22 ? 6.302   10.814  -1.731  1.00 40.65 ? 21  LEU A C   1 
ATOM   74  O O   . LEU A 1 22 ? 5.984   12.042  -1.756  1.00 40.91 ? 21  LEU A O   1 
ATOM   75  C CB  . LEU A 1 22 ? 8.435   11.022  -0.325  1.00 41.68 ? 21  LEU A CB  1 
ATOM   76  C CG  . LEU A 1 22 ? 7.648   11.055  0.993   1.00 44.44 ? 21  LEU A CG  1 
ATOM   77  C CD1 . LEU A 1 22 ? 7.535   9.668   1.588   1.00 45.38 ? 21  LEU A CD1 1 
ATOM   78  C CD2 . LEU A 1 22 ? 8.223   12.036  2.034   1.00 43.31 ? 21  LEU A CD2 1 
ATOM   79  N N   . ILE A 1 23 ? 5.442   9.803   -1.928  1.00 37.39 ? 22  ILE A N   1 
ATOM   80  C CA  . ILE A 1 23 ? 4.002   9.980   -2.089  1.00 34.53 ? 22  ILE A CA  1 
ATOM   81  C C   . ILE A 1 23 ? 3.242   9.484   -0.849  1.00 34.72 ? 22  ILE A C   1 
ATOM   82  O O   . ILE A 1 23 ? 3.817   8.826   0.038   1.00 34.55 ? 22  ILE A O   1 
ATOM   83  C CB  . ILE A 1 23 ? 3.503   9.357   -3.413  1.00 33.66 ? 22  ILE A CB  1 
ATOM   84  C CG1 . ILE A 1 23 ? 3.437   7.854   -3.335  1.00 32.90 ? 22  ILE A CG1 1 
ATOM   85  C CG2 . ILE A 1 23 ? 4.390   9.801   -4.608  1.00 33.51 ? 22  ILE A CG2 1 
ATOM   86  C CD1 . ILE A 1 23 ? 2.741   7.181   -4.525  1.00 32.21 ? 22  ILE A CD1 1 
ATOM   87  N N   . LYS A 1 24 ? 1.971   9.860   -0.760  1.00 34.25 ? 23  LYS A N   1 
ATOM   88  C CA  . LYS A 1 24 ? 1.052   9.367   0.248   1.00 34.15 ? 23  LYS A CA  1 
ATOM   89  C C   . LYS A 1 24 ? -0.178  8.722   -0.454  1.00 33.10 ? 23  LYS A C   1 
ATOM   90  O O   . LYS A 1 24 ? -0.829  9.355   -1.318  1.00 32.43 ? 23  LYS A O   1 
ATOM   91  C CB  . LYS A 1 24 ? 0.634   10.500  1.192   1.00 34.28 ? 23  LYS A CB  1 
ATOM   92  C CG  . LYS A 1 24 ? -0.386  10.084  2.260   1.00 36.37 ? 23  LYS A CG  1 
ATOM   93  C CD  . LYS A 1 24 ? -0.610  11.165  3.378   1.00 37.72 ? 23  LYS A CD  1 
ATOM   94  C CE  . LYS A 1 24 ? 0.691   11.489  4.130   1.00 44.69 ? 23  LYS A CE  1 
ATOM   95  N NZ  . LYS A 1 24 ? 1.236   10.242  4.748   1.00 50.26 ? 23  LYS A NZ  1 
ATOM   96  N N   . VAL A 1 25 ? -0.467  7.464   -0.103  1.00 30.91 ? 24  VAL A N   1 
ATOM   97  C CA  . VAL A 1 25 ? -1.612  6.733   -0.665  1.00 30.79 ? 24  VAL A CA  1 
ATOM   98  C C   . VAL A 1 25 ? -2.535  6.314   0.466   1.00 30.77 ? 24  VAL A C   1 
ATOM   99  O O   . VAL A 1 25 ? -2.059  5.972   1.556   1.00 31.29 ? 24  VAL A O   1 
ATOM   100 C CB  . VAL A 1 25 ? -1.188  5.482   -1.427  1.00 31.69 ? 24  VAL A CB  1 
ATOM   101 C CG1 . VAL A 1 25 ? -0.259  5.804   -2.571  1.00 30.81 ? 24  VAL A CG1 1 
ATOM   102 C CG2 . VAL A 1 25 ? -0.455  4.603   -0.565  1.00 34.50 ? 24  VAL A CG2 1 
ATOM   103 N N   . THR A 1 26 ? -3.845  6.363   0.246   1.00 28.95 ? 25  THR A N   1 
ATOM   104 C CA  . THR A 1 26 ? -4.807  5.922   1.258   1.00 27.93 ? 25  THR A CA  1 
ATOM   105 C C   . THR A 1 26 ? -5.150  4.452   1.037   1.00 26.84 ? 25  THR A C   1 
ATOM   106 O O   . THR A 1 26 ? -5.495  4.062   -0.046  1.00 25.05 ? 25  THR A O   1 
ATOM   107 C CB  . THR A 1 26 ? -6.071  6.792   1.262   1.00 28.24 ? 25  THR A CB  1 
ATOM   108 O OG1 . THR A 1 26 ? -5.695  8.153   1.536   1.00 29.62 ? 25  THR A OG1 1 
ATOM   109 C CG2 . THR A 1 26 ? -7.075  6.305   2.299   1.00 27.83 ? 25  THR A CG2 1 
ATOM   110 N N   . VAL A 1 27 ? -4.967  3.644   2.082   1.00 25.50 ? 26  VAL A N   1 
ATOM   111 C CA  . VAL A 1 27 ? -5.336  2.233   2.057   1.00 24.92 ? 26  VAL A CA  1 
ATOM   112 C C   . VAL A 1 27 ? -6.681  2.137   2.811   1.00 26.14 ? 26  VAL A C   1 
ATOM   113 O O   . VAL A 1 27 ? -6.752  2.432   4.006   1.00 25.15 ? 26  VAL A O   1 
ATOM   114 C CB  . VAL A 1 27 ? -4.258  1.324   2.701   1.00 24.05 ? 26  VAL A CB  1 
ATOM   115 C CG1 . VAL A 1 27 ? -4.785  -0.088  2.903   1.00 21.77 ? 26  VAL A CG1 1 
ATOM   116 C CG2 . VAL A 1 27 ? -2.966  1.302   1.820   1.00 23.10 ? 26  VAL A CG2 1 
ATOM   117 N N   . LYS A 1 28 ? -7.724  1.730   2.105   1.00 27.15 ? 27  LYS A N   1 
ATOM   118 C CA  . LYS A 1 28 ? -9.050  1.718   2.679   1.00 29.02 ? 27  LYS A CA  1 
ATOM   119 C C   . LYS A 1 28 ? -9.523  0.264   2.767   1.00 28.94 ? 27  LYS A C   1 
ATOM   120 O O   . LYS A 1 28 ? -9.588  -0.456  1.775   1.00 29.03 ? 27  LYS A O   1 
ATOM   121 C CB  . LYS A 1 28 ? -9.965  2.576   1.787   1.00 30.23 ? 27  LYS A CB  1 
ATOM   122 C CG  . LYS A 1 28 ? -11.400 2.833   2.326   1.00 33.19 ? 27  LYS A CG  1 
ATOM   123 C CD  . LYS A 1 28 ? -12.322 1.638   1.949   1.00 39.88 ? 27  LYS A CD  1 
ATOM   124 C CE  . LYS A 1 28 ? -13.880 1.721   2.361   1.00 39.08 ? 27  LYS A CE  1 
ATOM   125 N NZ  . LYS A 1 28 ? -14.821 0.850   1.497   1.00 38.74 ? 27  LYS A NZ  1 
ATOM   126 N N   . THR A 1 29 ? -9.882  -0.178  3.949   1.00 30.38 ? 28  THR A N   1 
ATOM   127 C CA  . THR A 1 29 ? -10.542 -1.490  4.073   1.00 31.57 ? 28  THR A CA  1 
ATOM   128 C C   . THR A 1 29 ? -12.028 -1.248  4.306   1.00 34.16 ? 28  THR A C   1 
ATOM   129 O O   . THR A 1 29 ? -12.453 -0.086  4.470   1.00 33.83 ? 28  THR A O   1 
ATOM   130 C CB  . THR A 1 29 ? -10.012 -2.281  5.284   1.00 29.99 ? 28  THR A CB  1 
ATOM   131 O OG1 . THR A 1 29 ? -10.509 -1.653  6.456   1.00 29.20 ? 28  THR A OG1 1 
ATOM   132 C CG2 . THR A 1 29 ? -8.445  -2.300  5.287   1.00 29.20 ? 28  THR A CG2 1 
ATOM   133 N N   . PRO A 1 30 ? -12.823 -2.330  4.357   1.00 36.24 ? 29  PRO A N   1 
ATOM   134 C CA  . PRO A 1 30 ? -14.209 -2.100  4.761   1.00 37.65 ? 29  PRO A CA  1 
ATOM   135 C C   . PRO A 1 30 ? -14.367 -1.412  6.134   1.00 38.99 ? 29  PRO A C   1 
ATOM   136 O O   . PRO A 1 30 ? -15.409 -0.831  6.384   1.00 39.87 ? 29  PRO A O   1 
ATOM   137 C CB  . PRO A 1 30 ? -14.825 -3.507  4.711   1.00 37.65 ? 29  PRO A CB  1 
ATOM   138 C CG  . PRO A 1 30 ? -14.031 -4.200  3.638   1.00 38.06 ? 29  PRO A CG  1 
ATOM   139 C CD  . PRO A 1 30 ? -12.605 -3.729  3.970   1.00 36.17 ? 29  PRO A CD  1 
ATOM   140 N N   . LYS A 1 31 ? -13.335 -1.405  6.979   1.00 39.84 ? 30  LYS A N   1 
ATOM   141 C CA  . LYS A 1 31 ? -13.478 -0.844  8.315   1.00 40.73 ? 30  LYS A CA  1 
ATOM   142 C C   . LYS A 1 31 ? -12.563 0.298   8.629   1.00 40.83 ? 30  LYS A C   1 
ATOM   143 O O   . LYS A 1 31 ? -12.766 1.008   9.623   1.00 41.49 ? 30  LYS A O   1 
ATOM   144 C CB  . LYS A 1 31 ? -13.224 -1.926  9.393   1.00 42.19 ? 30  LYS A CB  1 
ATOM   145 C CG  . LYS A 1 31 ? -14.505 -2.522  10.011  1.00 44.96 ? 30  LYS A CG  1 
ATOM   146 C CD  . LYS A 1 31 ? -14.894 -3.823  9.314   1.00 46.92 ? 30  LYS A CD  1 
ATOM   147 C CE  . LYS A 1 31 ? -16.217 -4.402  9.875   1.00 47.55 ? 30  LYS A CE  1 
ATOM   148 N NZ  . LYS A 1 31 ? -16.666 -5.631  9.074   1.00 49.02 ? 30  LYS A NZ  1 
ATOM   149 N N   . ASP A 1 32 ? -11.496 0.422   7.850   1.00 39.87 ? 31  ASP A N   1 
ATOM   150 C CA  . ASP A 1 32 ? -10.415 1.331   8.194   1.00 39.11 ? 31  ASP A CA  1 
ATOM   151 C C   . ASP A 1 32 ? -10.018 2.188   6.997   1.00 37.65 ? 31  ASP A C   1 
ATOM   152 O O   . ASP A 1 32 ? -10.305 1.856   5.846   1.00 37.09 ? 31  ASP A O   1 
ATOM   153 C CB  . ASP A 1 32 ? -9.197  0.533   8.711   1.00 39.79 ? 31  ASP A CB  1 
ATOM   154 C CG  . ASP A 1 32 ? -9.420  -0.034  10.130  1.00 41.19 ? 31  ASP A CG  1 
ATOM   155 O OD1 . ASP A 1 32 ? -9.759  0.751   11.053  1.00 41.25 ? 31  ASP A OD1 1 
ATOM   156 O OD2 . ASP A 1 32 ? -9.235  -1.257  10.310  1.00 41.09 ? 31  ASP A OD2 1 
ATOM   157 N N   . LYS A 1 33 ? -9.359  3.288   7.293   1.00 36.31 ? 32  LYS A N   1 
ATOM   158 C CA  . LYS A 1 33 ? -8.844  4.161   6.279   1.00 36.51 ? 32  LYS A CA  1 
ATOM   159 C C   . LYS A 1 33 ? -7.471  4.601   6.822   1.00 34.33 ? 32  LYS A C   1 
ATOM   160 O O   . LYS A 1 33 ? -7.408  5.257   7.863   1.00 35.61 ? 32  LYS A O   1 
ATOM   161 C CB  . LYS A 1 33 ? -9.817  5.354   6.086   1.00 36.14 ? 32  LYS A CB  1 
ATOM   162 C CG  . LYS A 1 33 ? -9.592  6.127   4.770   1.00 38.64 ? 32  LYS A CG  1 
ATOM   163 C CD  . LYS A 1 33 ? -10.240 7.527   4.730   1.00 39.85 ? 32  LYS A CD  1 
ATOM   164 C CE  . LYS A 1 33 ? -9.306  8.617   5.394   1.00 46.12 ? 32  LYS A CE  1 
ATOM   165 N NZ  . LYS A 1 33 ? -7.810  8.692   4.950   1.00 45.61 ? 32  LYS A NZ  1 
ATOM   166 N N   . GLU A 1 34 ? -6.373  4.206   6.180   1.00 31.68 ? 33  GLU A N   1 
ATOM   167 C CA  . GLU A 1 34 ? -5.062  4.477   6.745   1.00 29.29 ? 33  GLU A CA  1 
ATOM   168 C C   . GLU A 1 34 ? -4.173  4.993   5.679   1.00 27.26 ? 33  GLU A C   1 
ATOM   169 O O   . GLU A 1 34 ? -4.062  4.400   4.601   1.00 27.47 ? 33  GLU A O   1 
ATOM   170 C CB  . GLU A 1 34 ? -4.409  3.191   7.323   1.00 29.84 ? 33  GLU A CB  1 
ATOM   171 C CG  . GLU A 1 34 ? -5.162  2.577   8.500   1.00 32.03 ? 33  GLU A CG  1 
ATOM   172 C CD  . GLU A 1 34 ? -4.983  3.354   9.809   1.00 34.04 ? 33  GLU A CD  1 
ATOM   173 O OE1 . GLU A 1 34 ? -3.923  3.966   10.013  1.00 36.58 ? 33  GLU A OE1 1 
ATOM   174 O OE2 . GLU A 1 34 ? -5.903  3.334   10.645  1.00 37.07 ? 33  GLU A OE2 1 
ATOM   175 N N   . ASP A 1 35 ? -3.484  6.067   5.979   1.00 26.23 ? 34  ASP A N   1 
ATOM   176 C CA  . ASP A 1 35 ? -2.530  6.596   5.036   1.00 26.32 ? 34  ASP A CA  1 
ATOM   177 C C   . ASP A 1 35 ? -1.162  5.978   5.177   1.00 25.92 ? 34  ASP A C   1 
ATOM   178 O O   . ASP A 1 35 ? -0.724  5.683   6.296   1.00 25.69 ? 34  ASP A O   1 
ATOM   179 C CB  . ASP A 1 35 ? -2.453  8.089   5.174   1.00 27.04 ? 34  ASP A CB  1 
ATOM   180 C CG  . ASP A 1 35 ? -3.717  8.760   4.733   1.00 31.65 ? 34  ASP A CG  1 
ATOM   181 O OD1 . ASP A 1 35 ? -4.544  8.190   3.959   1.00 34.52 ? 34  ASP A OD1 1 
ATOM   182 O OD2 . ASP A 1 35 ? -3.900  9.891   5.175   1.00 38.76 ? 34  ASP A OD2 1 
ATOM   183 N N   . PHE A 1 36 ? -0.510  5.800   4.027   1.00 24.66 ? 35  PHE A N   1 
ATOM   184 C CA  . PHE A 1 36 ? 0.822   5.251   3.912   1.00 25.39 ? 35  PHE A CA  1 
ATOM   185 C C   . PHE A 1 36 ? 1.704   6.179   3.094   1.00 26.52 ? 35  PHE A C   1 
ATOM   186 O O   . PHE A 1 36 ? 1.451   6.456   1.903   1.00 27.32 ? 35  PHE A O   1 
ATOM   187 C CB  . PHE A 1 36 ? 0.823   3.889   3.234   1.00 23.84 ? 35  PHE A CB  1 
ATOM   188 C CG  . PHE A 1 36 ? 0.369   2.791   4.118   1.00 23.58 ? 35  PHE A CG  1 
ATOM   189 C CD1 . PHE A 1 36 ? 1.283   1.796   4.540   1.00 22.62 ? 35  PHE A CD1 1 
ATOM   190 C CD2 . PHE A 1 36 ? -0.964  2.727   4.543   1.00 23.01 ? 35  PHE A CD2 1 
ATOM   191 C CE1 . PHE A 1 36 ? 0.863   0.770   5.394   1.00 23.22 ? 35  PHE A CE1 1 
ATOM   192 C CE2 . PHE A 1 36 ? -1.424  1.705   5.409   1.00 22.62 ? 35  PHE A CE2 1 
ATOM   193 C CZ  . PHE A 1 36 ? -0.488  0.702   5.827   1.00 22.36 ? 35  PHE A CZ  1 
ATOM   194 N N   . SER A 1 37 ? 2.778   6.620   3.724   1.00 27.23 ? 36  SER A N   1 
ATOM   195 C CA  . SER A 1 37 ? 3.831   7.265   2.980   1.00 27.91 ? 36  SER A CA  1 
ATOM   196 C C   . SER A 1 37 ? 4.635   6.174   2.334   1.00 28.73 ? 36  SER A C   1 
ATOM   197 O O   . SER A 1 37 ? 5.057   5.198   2.986   1.00 29.94 ? 36  SER A O   1 
ATOM   198 C CB  . SER A 1 37 ? 4.693   8.186   3.898   1.00 27.70 ? 36  SER A CB  1 
ATOM   199 O OG  . SER A 1 37 ? 3.873   9.073   4.621   1.00 28.76 ? 36  SER A OG  1 
ATOM   200 N N   . VAL A 1 38 ? 4.836   6.298   1.039   1.00 29.24 ? 37  VAL A N   1 
ATOM   201 C CA  . VAL A 1 38 ? 5.494   5.274   0.302   1.00 31.26 ? 37  VAL A CA  1 
ATOM   202 C C   . VAL A 1 38 ? 6.334   5.940   -0.714  1.00 32.29 ? 37  VAL A C   1 
ATOM   203 O O   . VAL A 1 38 ? 6.085   7.118   -1.080  1.00 32.75 ? 37  VAL A O   1 
ATOM   204 C CB  . VAL A 1 38 ? 4.486   4.265   -0.429  1.00 32.04 ? 37  VAL A CB  1 
ATOM   205 C CG1 . VAL A 1 38 ? 3.659   3.492   0.566   1.00 31.60 ? 37  VAL A CG1 1 
ATOM   206 C CG2 . VAL A 1 38 ? 3.543   4.982   -1.362  1.00 33.97 ? 37  VAL A CG2 1 
ATOM   207 N N   . THR A 1 39 ? 7.328   5.207   -1.181  1.00 33.39 ? 38  THR A N   1 
ATOM   208 C CA  . THR A 1 39 ? 8.101   5.659   -2.323  1.00 36.84 ? 38  THR A CA  1 
ATOM   209 C C   . THR A 1 39 ? 7.275   5.322   -3.582  1.00 38.80 ? 38  THR A C   1 
ATOM   210 O O   . THR A 1 39 ? 6.531   4.317   -3.610  1.00 37.90 ? 38  THR A O   1 
ATOM   211 C CB  . THR A 1 39 ? 9.588   5.066   -2.353  1.00 36.35 ? 38  THR A CB  1 
ATOM   212 O OG1 . THR A 1 39 ? 9.546   3.652   -2.527  1.00 37.97 ? 38  THR A OG1 1 
ATOM   213 C CG2 . THR A 1 39 ? 10.317  5.337   -1.038  1.00 35.13 ? 38  THR A CG2 1 
ATOM   214 N N   . ASP A 1 40 ? 7.381   6.150   -4.615  1.00 40.53 ? 39  ASP A N   1 
ATOM   215 C CA  . ASP A 1 40 ? 6.561   5.911   -5.828  1.00 42.85 ? 39  ASP A CA  1 
ATOM   216 C C   . ASP A 1 40 ? 6.894   4.587   -6.574  1.00 42.83 ? 39  ASP A C   1 
ATOM   217 O O   . ASP A 1 40 ? 6.010   3.974   -7.211  1.00 43.82 ? 39  ASP A O   1 
ATOM   218 C CB  . ASP A 1 40 ? 6.571   7.128   -6.782  1.00 44.52 ? 39  ASP A CB  1 
ATOM   219 C CG  . ASP A 1 40 ? 7.992   7.562   -7.213  1.00 47.52 ? 39  ASP A CG  1 
ATOM   220 O OD1 . ASP A 1 40 ? 9.015   7.181   -6.580  1.00 50.15 ? 39  ASP A OD1 1 
ATOM   221 O OD2 . ASP A 1 40 ? 8.073   8.335   -8.199  1.00 53.10 ? 39  ASP A OD2 1 
ATOM   222 N N   . THR A 1 41 ? 8.153   4.149   -6.440  1.00 40.62 ? 40  THR A N   1 
ATOM   223 C CA  . THR A 1 41 ? 8.672   2.922   -7.033  1.00 38.92 ? 40  THR A CA  1 
ATOM   224 C C   . THR A 1 41 ? 8.538   1.665   -6.099  1.00 36.23 ? 40  THR A C   1 
ATOM   225 O O   . THR A 1 41 ? 9.065   0.577   -6.388  1.00 35.68 ? 40  THR A O   1 
ATOM   226 C CB  . THR A 1 41 ? 10.147  3.138   -7.343  1.00 39.44 ? 40  THR A CB  1 
ATOM   227 O OG1 . THR A 1 41 ? 10.829  3.343   -6.092  1.00 41.85 ? 40  THR A OG1 1 
ATOM   228 C CG2 . THR A 1 41 ? 10.303  4.365   -8.264  1.00 39.42 ? 40  THR A CG2 1 
ATOM   229 N N   . CYS A 1 42 ? 7.881   1.847   -4.956  1.00 33.54 ? 41  CYS A N   1 
ATOM   230 C CA  . CYS A 1 42 ? 7.651   0.771   -3.993  1.00 31.01 ? 41  CYS A CA  1 
ATOM   231 C C   . CYS A 1 42 ? 6.863   -0.297  -4.761  1.00 29.73 ? 41  CYS A C   1 
ATOM   232 O O   . CYS A 1 42 ? 6.007   0.046   -5.600  1.00 29.00 ? 41  CYS A O   1 
ATOM   233 C CB  . CYS A 1 42 ? 6.891   1.330   -2.761  1.00 30.98 ? 41  CYS A CB  1 
ATOM   234 S SG  . CYS A 1 42 ? 6.337   0.134   -1.510  1.00 32.54 ? 41  CYS A SG  1 
ATOM   235 N N   . THR A 1 43 ? 7.217   -1.568  -4.569  1.00 27.08 ? 42  THR A N   1 
ATOM   236 C CA  . THR A 1 43 ? 6.474   -2.629  -5.228  1.00 25.23 ? 42  THR A CA  1 
ATOM   237 C C   . THR A 1 43 ? 5.251   -3.027  -4.381  1.00 23.49 ? 42  THR A C   1 
ATOM   238 O O   . THR A 1 43 ? 5.146   -2.690  -3.207  1.00 23.71 ? 42  THR A O   1 
ATOM   239 C CB  . THR A 1 43 ? 7.309   -3.881  -5.505  1.00 24.95 ? 42  THR A CB  1 
ATOM   240 O OG1 . THR A 1 43 ? 7.630   -4.521  -4.260  1.00 22.88 ? 42  THR A OG1 1 
ATOM   241 C CG2 . THR A 1 43 ? 8.610   -3.549  -6.295  1.00 26.39 ? 42  THR A CG2 1 
ATOM   242 N N   . ILE A 1 44 ? 4.330   -3.746  -5.001  1.00 22.52 ? 43  ILE A N   1 
ATOM   243 C CA  . ILE A 1 44 ? 3.162   -4.269  -4.299  1.00 22.12 ? 43  ILE A CA  1 
ATOM   244 C C   . ILE A 1 44 ? 3.613   -5.165  -3.131  1.00 22.34 ? 43  ILE A C   1 
ATOM   245 O O   . ILE A 1 44 ? 3.080   -5.082  -1.996  1.00 21.00 ? 43  ILE A O   1 
ATOM   246 C CB  . ILE A 1 44 ? 2.200   -4.972  -5.295  1.00 21.47 ? 43  ILE A CB  1 
ATOM   247 C CG1 . ILE A 1 44 ? 1.639   -3.913  -6.265  1.00 21.92 ? 43  ILE A CG1 1 
ATOM   248 C CG2 . ILE A 1 44 ? 1.058   -5.725  -4.547  1.00 20.97 ? 43  ILE A CG2 1 
ATOM   249 C CD1 . ILE A 1 44 ? 0.933   -2.674  -5.528  1.00 22.74 ? 43  ILE A CD1 1 
ATOM   250 N N   . GLN A 1 45 ? 4.622   -6.011  -3.376  1.00 23.01 ? 44  GLN A N   1 
ATOM   251 C CA  . GLN A 1 45 ? 5.060   -6.914  -2.293  1.00 24.43 ? 44  GLN A CA  1 
ATOM   252 C C   . GLN A 1 45 ? 5.601   -6.088  -1.124  1.00 22.91 ? 44  GLN A C   1 
ATOM   253 O O   . GLN A 1 45 ? 5.366   -6.419  0.025   1.00 21.81 ? 44  GLN A O   1 
ATOM   254 C CB  . GLN A 1 45 ? 6.141   -7.889  -2.788  1.00 23.55 ? 44  GLN A CB  1 
ATOM   255 C CG  . GLN A 1 45 ? 6.431   -9.085  -1.818  1.00 26.60 ? 44  GLN A CG  1 
ATOM   256 C CD  . GLN A 1 45 ? 7.290   -10.205 -2.497  1.00 30.19 ? 44  GLN A CD  1 
ATOM   257 O OE1 . GLN A 1 45 ? 7.391   -10.264 -3.745  1.00 37.30 ? 44  GLN A OE1 1 
ATOM   258 N NE2 . GLN A 1 45 ? 7.956   -11.033 -1.680  1.00 35.13 ? 44  GLN A NE2 1 
ATOM   259 N N   . GLN A 1 46 ? 6.337   -5.009  -1.427  1.00 23.25 ? 45  GLN A N   1 
ATOM   260 C CA  . GLN A 1 46 ? 6.874   -4.168  -0.387  1.00 22.52 ? 45  GLN A CA  1 
ATOM   261 C C   . GLN A 1 46 ? 5.757   -3.418  0.302   1.00 22.03 ? 45  GLN A C   1 
ATOM   262 O O   . GLN A 1 46 ? 5.824   -3.225  1.487   1.00 20.95 ? 45  GLN A O   1 
ATOM   263 C CB  . GLN A 1 46 ? 7.880   -3.170  -0.933  1.00 23.38 ? 45  GLN A CB  1 
ATOM   264 C CG  . GLN A 1 46 ? 9.282   -3.754  -1.219  1.00 25.87 ? 45  GLN A CG  1 
ATOM   265 C CD  . GLN A 1 46 ? 10.026  -2.931  -2.252  1.00 30.06 ? 45  GLN A CD  1 
ATOM   266 O OE1 . GLN A 1 46 ? 9.580   -1.882  -2.708  1.00 31.63 ? 45  GLN A OE1 1 
ATOM   267 N NE2 . GLN A 1 46 ? 11.163  -3.428  -2.649  1.00 36.65 ? 45  GLN A NE2 1 
ATOM   268 N N   . LEU A 1 47 ? 4.781   -2.906  -0.443  1.00 22.10 ? 46  LEU A N   1 
ATOM   269 C CA  . LEU A 1 47 ? 3.647   -2.290  0.223   1.00 21.76 ? 46  LEU A CA  1 
ATOM   270 C C   . LEU A 1 47 ? 2.895   -3.296  1.135   1.00 20.66 ? 46  LEU A C   1 
ATOM   271 O O   . LEU A 1 47 ? 2.496   -2.929  2.235   1.00 20.77 ? 46  LEU A O   1 
ATOM   272 C CB  . LEU A 1 47 ? 2.704   -1.585  -0.779  1.00 21.80 ? 46  LEU A CB  1 
ATOM   273 C CG  . LEU A 1 47 ? 1.386   -0.936  -0.264  1.00 23.16 ? 46  LEU A CG  1 
ATOM   274 C CD1 . LEU A 1 47 ? 1.725   0.187   0.791   1.00 22.66 ? 46  LEU A CD1 1 
ATOM   275 C CD2 . LEU A 1 47 ? 0.580   -0.397  -1.489  1.00 21.71 ? 46  LEU A CD2 1 
ATOM   276 N N   . LYS A 1 48 ? 2.746   -4.558  0.702   1.00 19.93 ? 47  LYS A N   1 
ATOM   277 C CA  . LYS A 1 48 ? 2.117   -5.597  1.542   1.00 19.73 ? 47  LYS A CA  1 
ATOM   278 C C   . LYS A 1 48 ? 2.876   -5.757  2.835   1.00 19.30 ? 47  LYS A C   1 
ATOM   279 O O   . LYS A 1 48 ? 2.278   -5.893  3.879   1.00 17.89 ? 47  LYS A O   1 
ATOM   280 C CB  . LYS A 1 48 ? 2.010   -6.935  0.801   1.00 17.89 ? 47  LYS A CB  1 
ATOM   281 C CG  . LYS A 1 48 ? 0.865   -6.944  -0.270  1.00 20.36 ? 47  LYS A CG  1 
ATOM   282 C CD  . LYS A 1 48 ? 0.850   -8.290  -0.931  1.00 23.43 ? 47  LYS A CD  1 
ATOM   283 C CE  . LYS A 1 48 ? -0.398  -8.470  -1.726  1.00 24.92 ? 47  LYS A CE  1 
ATOM   284 N NZ  . LYS A 1 48 ? -0.296  -9.685  -2.579  1.00 22.97 ? 47  LYS A NZ  1 
ATOM   285 N N   . GLU A 1 49 ? 4.217   -5.684  2.747   1.00 19.23 ? 48  GLU A N   1 
ATOM   286 C CA  . GLU A 1 49 ? 5.019   -5.797  3.926   1.00 19.67 ? 48  GLU A CA  1 
ATOM   287 C C   . GLU A 1 49 ? 4.778   -4.621  4.839   1.00 19.08 ? 48  GLU A C   1 
ATOM   288 O O   . GLU A 1 49 ? 4.659   -4.780  6.052   1.00 20.10 ? 48  GLU A O   1 
ATOM   289 C CB  . GLU A 1 49 ? 6.494   -5.957  3.505   1.00 19.33 ? 48  GLU A CB  1 
ATOM   290 C CG  . GLU A 1 49 ? 7.450   -5.879  4.618   1.00 23.00 ? 48  GLU A CG  1 
ATOM   291 C CD  . GLU A 1 49 ? 7.318   -7.046  5.656   1.00 30.16 ? 48  GLU A CD  1 
ATOM   292 O OE1 . GLU A 1 49 ? 6.698   -8.099  5.342   1.00 28.88 ? 48  GLU A OE1 1 
ATOM   293 O OE2 . GLU A 1 49 ? 7.843   -6.899  6.793   1.00 30.97 ? 48  GLU A OE2 1 
ATOM   294 N N   . GLU A 1 50 ? 4.720   -3.414  4.290   1.00 19.77 ? 49  GLU A N   1 
ATOM   295 C CA  . GLU A 1 50 ? 4.472   -2.200  5.142   1.00 19.65 ? 49  GLU A CA  1 
ATOM   296 C C   . GLU A 1 50 ? 3.106   -2.297  5.812   1.00 19.70 ? 49  GLU A C   1 
ATOM   297 O O   . GLU A 1 50 ? 2.921   -1.960  7.012   1.00 18.65 ? 49  GLU A O   1 
ATOM   298 C CB  . GLU A 1 50 ? 4.486   -0.944  4.264   1.00 19.63 ? 49  GLU A CB  1 
ATOM   299 C CG  . GLU A 1 50 ? 5.931   -0.509  3.859   1.00 20.06 ? 49  GLU A CG  1 
ATOM   300 C CD  . GLU A 1 50 ? 6.611   0.166   5.040   1.00 23.19 ? 49  GLU A CD  1 
ATOM   301 O OE1 . GLU A 1 50 ? 6.563   1.409   5.140   1.00 25.15 ? 49  GLU A OE1 1 
ATOM   302 O OE2 . GLU A 1 50 ? 7.144   -0.562  5.934   1.00 24.11 ? 49  GLU A OE2 1 
ATOM   303 N N   . ILE A 1 51 ? 2.117   -2.699  5.023   1.00 20.43 ? 50  ILE A N   1 
ATOM   304 C CA  . ILE A 1 51 ? 0.768   -2.909  5.561   1.00 20.70 ? 50  ILE A CA  1 
ATOM   305 C C   . ILE A 1 51 ? 0.728   -4.028  6.666   1.00 21.25 ? 50  ILE A C   1 
ATOM   306 O O   . ILE A 1 51 ? 0.019   -3.893  7.683   1.00 22.96 ? 50  ILE A O   1 
ATOM   307 C CB  . ILE A 1 51 ? -0.244  -3.212  4.404   1.00 21.39 ? 50  ILE A CB  1 
ATOM   308 C CG1 . ILE A 1 51 ? -0.402  -2.003  3.468   1.00 22.58 ? 50  ILE A CG1 1 
ATOM   309 C CG2 . ILE A 1 51 ? -1.623  -3.717  4.947   1.00 20.87 ? 50  ILE A CG2 1 
ATOM   310 C CD1 . ILE A 1 51 ? -1.041  -2.412  2.083   1.00 18.42 ? 50  ILE A CD1 1 
ATOM   311 N N   . SER A 1 52 ? 1.441   -5.133  6.473   1.00 21.20 ? 51  SER A N   1 
ATOM   312 C CA  . SER A 1 52 ? 1.511   -6.147  7.537   1.00 22.61 ? 51  SER A CA  1 
ATOM   313 C C   . SER A 1 52 ? 2.054   -5.576  8.830   1.00 22.87 ? 51  SER A C   1 
ATOM   314 O O   . SER A 1 52 ? 1.625   -5.921  9.924   1.00 23.08 ? 51  SER A O   1 
ATOM   315 C CB  . SER A 1 52 ? 2.478   -7.268  7.134   1.00 23.71 ? 51  SER A CB  1 
ATOM   316 O OG  . SER A 1 52 ? 1.970   -7.814  5.958   1.00 30.78 ? 51  SER A OG  1 
ATOM   317 N N   . GLN A 1 53 ? 3.050   -4.724  8.716   1.00 22.84 ? 52  GLN A N   1 
ATOM   318 C CA  . GLN A 1 53 ? 3.678   -4.186  9.888   1.00 22.97 ? 52  GLN A CA  1 
ATOM   319 C C   . GLN A 1 53 ? 2.749   -3.182  10.553  1.00 24.37 ? 52  GLN A C   1 
ATOM   320 O O   . GLN A 1 53 ? 2.786   -3.036  11.766  1.00 25.08 ? 52  GLN A O   1 
ATOM   321 C CB  . GLN A 1 53 ? 5.058   -3.538  9.541   1.00 22.86 ? 52  GLN A CB  1 
ATOM   322 C CG  . GLN A 1 53 ? 6.152   -4.551  9.124   1.00 22.69 ? 52  GLN A CG  1 
ATOM   323 C CD  . GLN A 1 53 ? 6.243   -5.841  9.979   1.00 25.36 ? 52  GLN A CD  1 
ATOM   324 O OE1 . GLN A 1 53 ? 6.037   -5.862  11.224  1.00 25.11 ? 52  GLN A OE1 1 
ATOM   325 N NE2 . GLN A 1 53 ? 6.588   -6.930  9.298   1.00 25.82 ? 52  GLN A NE2 1 
ATOM   326 N N   . ARG A 1 54 ? 1.923   -2.499  9.767   1.00 24.34 ? 53  ARG A N   1 
ATOM   327 C CA  . ARG A 1 54 ? 1.004   -1.498  10.315  1.00 24.92 ? 53  ARG A CA  1 
ATOM   328 C C   . ARG A 1 54 ? -0.229  -2.135  11.014  1.00 25.21 ? 53  ARG A C   1 
ATOM   329 O O   . ARG A 1 54 ? -0.579  -1.774  12.153  1.00 25.87 ? 53  ARG A O   1 
ATOM   330 C CB  . ARG A 1 54 ? 0.556   -0.538  9.179   1.00 25.11 ? 53  ARG A CB  1 
ATOM   331 C CG  . ARG A 1 54 ? -0.443  0.508   9.613   1.00 25.92 ? 53  ARG A CG  1 
ATOM   332 C CD  . ARG A 1 54 ? 0.275   1.750   10.135  1.00 29.50 ? 53  ARG A CD  1 
ATOM   333 N NE  . ARG A 1 54 ? -0.605  2.845   9.889   1.00 30.46 ? 53  ARG A NE  1 
ATOM   334 C CZ  . ARG A 1 54 ? -0.516  3.712   8.895   1.00 29.75 ? 53  ARG A CZ  1 
ATOM   335 N NH1 . ARG A 1 54 ? 0.512   3.753   8.064   1.00 23.68 ? 53  ARG A NH1 1 
ATOM   336 N NH2 . ARG A 1 54 ? -1.471  4.595   8.795   1.00 28.97 ? 53  ARG A NH2 1 
ATOM   337 N N   . PHE A 1 55 ? -0.862  -3.084  10.325  1.00 23.92 ? 54  PHE A N   1 
ATOM   338 C CA  . PHE A 1 55 ? -2.047  -3.724  10.810  1.00 24.83 ? 54  PHE A CA  1 
ATOM   339 C C   . PHE A 1 55 ? -1.723  -4.910  11.732  1.00 25.75 ? 54  PHE A C   1 
ATOM   340 O O   . PHE A 1 55 ? -2.600  -5.364  12.459  1.00 26.71 ? 54  PHE A O   1 
ATOM   341 C CB  . PHE A 1 55 ? -2.880  -4.216  9.618   1.00 25.14 ? 54  PHE A CB  1 
ATOM   342 C CG  . PHE A 1 55 ? -3.633  -3.127  8.914   1.00 27.56 ? 54  PHE A CG  1 
ATOM   343 C CD1 . PHE A 1 55 ? -4.982  -2.906  9.200   1.00 30.94 ? 54  PHE A CD1 1 
ATOM   344 C CD2 . PHE A 1 55 ? -3.012  -2.312  7.974   1.00 28.66 ? 54  PHE A CD2 1 
ATOM   345 C CE1 . PHE A 1 55 ? -5.710  -1.885  8.540   1.00 33.41 ? 54  PHE A CE1 1 
ATOM   346 C CE2 . PHE A 1 55 ? -3.711  -1.270  7.331   1.00 29.81 ? 54  PHE A CE2 1 
ATOM   347 C CZ  . PHE A 1 55 ? -5.048  -1.059  7.612   1.00 31.57 ? 54  PHE A CZ  1 
ATOM   348 N N   . LYS A 1 56 ? -0.483  -5.388  11.730  1.00 25.77 ? 55  LYS A N   1 
ATOM   349 C CA  . LYS A 1 56 ? -0.087  -6.653  12.386  1.00 25.59 ? 55  LYS A CA  1 
ATOM   350 C C   . LYS A 1 56 ? -0.818  -7.845  11.745  1.00 25.77 ? 55  LYS A C   1 
ATOM   351 O O   . LYS A 1 56 ? -1.618  -8.530  12.393  1.00 25.82 ? 55  LYS A O   1 
ATOM   352 C CB  . LYS A 1 56 ? -0.276  -6.658  13.913  1.00 26.14 ? 55  LYS A CB  1 
ATOM   353 C CG  . LYS A 1 56 ? 0.238   -5.479  14.663  1.00 29.01 ? 55  LYS A CG  1 
ATOM   354 C CD  . LYS A 1 56 ? 1.652   -5.156  14.350  1.00 32.39 ? 55  LYS A CD  1 
ATOM   355 C CE  . LYS A 1 56 ? 2.108   -3.948  15.129  1.00 37.95 ? 55  LYS A CE  1 
ATOM   356 N NZ  . LYS A 1 56 ? 3.477   -3.488  14.669  1.00 42.17 ? 55  LYS A NZ  1 
ATOM   357 N N   . ALA A 1 57 ? -0.536  -8.067  10.463  1.00 24.98 ? 56  ALA A N   1 
ATOM   358 C CA  . ALA A 1 57 ? -1.110  -9.128  9.660   1.00 24.90 ? 56  ALA A CA  1 
ATOM   359 C C   . ALA A 1 57 ? 0.017   -9.847  8.892   1.00 25.04 ? 56  ALA A C   1 
ATOM   360 O O   . ALA A 1 57 ? 1.125   -9.334  8.761   1.00 25.61 ? 56  ALA A O   1 
ATOM   361 C CB  . ALA A 1 57 ? -2.167  -8.566  8.660   1.00 24.67 ? 56  ALA A CB  1 
ATOM   362 N N   . HIS A 1 58 ? -0.264  -11.029 8.362   1.00 23.85 ? 57  HIS A N   1 
ATOM   363 C CA  . HIS A 1 58 ? 0.699   -11.677 7.524   1.00 24.15 ? 57  HIS A CA  1 
ATOM   364 C C   . HIS A 1 58 ? 0.400   -11.209 6.121   1.00 23.55 ? 57  HIS A C   1 
ATOM   365 O O   . HIS A 1 58 ? -0.773  -11.040 5.805   1.00 22.45 ? 57  HIS A O   1 
ATOM   366 C CB  . HIS A 1 58 ? 0.522   -13.211 7.597   1.00 23.21 ? 57  HIS A CB  1 
ATOM   367 C CG  . HIS A 1 58 ? 1.608   -13.963 6.918   1.00 23.23 ? 57  HIS A CG  1 
ATOM   368 N ND1 . HIS A 1 58 ? 1.608   -14.202 5.558   1.00 23.78 ? 57  HIS A ND1 1 
ATOM   369 C CD2 . HIS A 1 58 ? 2.763   -14.498 7.399   1.00 21.61 ? 57  HIS A CD2 1 
ATOM   370 C CE1 . HIS A 1 58 ? 2.712   -14.851 5.236   1.00 23.30 ? 57  HIS A CE1 1 
ATOM   371 N NE2 . HIS A 1 58 ? 3.393   -15.102 6.342   1.00 22.34 ? 57  HIS A NE2 1 
ATOM   372 N N   . PRO A 1 59 ? 1.445   -10.988 5.281   1.00 24.44 ? 58  PRO A N   1 
ATOM   373 C CA  . PRO A 1 59 ? 1.218   -10.545 3.912   1.00 24.78 ? 58  PRO A CA  1 
ATOM   374 C C   . PRO A 1 59 ? 0.223   -11.412 3.097   1.00 25.76 ? 58  PRO A C   1 
ATOM   375 O O   . PRO A 1 59 ? -0.470  -10.870 2.226   1.00 24.96 ? 58  PRO A O   1 
ATOM   376 C CB  . PRO A 1 59 ? 2.614   -10.587 3.295   1.00 23.87 ? 58  PRO A CB  1 
ATOM   377 C CG  . PRO A 1 59 ? 3.563   -10.285 4.564   1.00 25.42 ? 58  PRO A CG  1 
ATOM   378 C CD  . PRO A 1 59 ? 2.895   -11.091 5.621   1.00 23.66 ? 58  PRO A CD  1 
ATOM   379 N N   . ASP A 1 60 ? 0.127   -12.722 3.375   1.00 25.38 ? 59  ASP A N   1 
ATOM   380 C CA  . ASP A 1 60 ? -0.786  -13.617 2.615   1.00 25.50 ? 59  ASP A CA  1 
ATOM   381 C C   . ASP A 1 60 ? -2.243  -13.314 2.874   1.00 24.68 ? 59  ASP A C   1 
ATOM   382 O O   . ASP A 1 60 ? -3.080  -13.772 2.134   1.00 25.24 ? 59  ASP A O   1 
ATOM   383 C CB  . ASP A 1 60 ? -0.546  -15.137 2.941   1.00 25.98 ? 59  ASP A CB  1 
ATOM   384 C CG  . ASP A 1 60 ? 0.804   -15.673 2.399   1.00 26.87 ? 59  ASP A CG  1 
ATOM   385 O OD1 . ASP A 1 60 ? 1.537   -14.929 1.763   1.00 26.59 ? 59  ASP A OD1 1 
ATOM   386 O OD2 . ASP A 1 60 ? 1.103   -16.858 2.590   1.00 32.72 ? 59  ASP A OD2 1 
ATOM   387 N N   . GLN A 1 61 ? -2.544  -12.626 3.973   1.00 23.96 ? 60  GLN A N   1 
ATOM   388 C CA  . GLN A 1 61 ? -3.901  -12.177 4.268   1.00 23.18 ? 60  GLN A CA  1 
ATOM   389 C C   . GLN A 1 61 ? -4.354  -11.065 3.303   1.00 22.51 ? 60  GLN A C   1 
ATOM   390 O O   . GLN A 1 61 ? -5.547  -10.732 3.200   1.00 21.41 ? 60  GLN A O   1 
ATOM   391 C CB  . GLN A 1 61 ? -3.962  -11.601 5.676   1.00 23.90 ? 60  GLN A CB  1 
ATOM   392 C CG  . GLN A 1 61 ? -3.983  -12.670 6.823   1.00 23.20 ? 60  GLN A CG  1 
ATOM   393 C CD  . GLN A 1 61 ? -4.187  -12.045 8.188   1.00 23.43 ? 60  GLN A CD  1 
ATOM   394 O OE1 . GLN A 1 61 ? -5.312  -11.805 8.629   1.00 29.33 ? 60  GLN A OE1 1 
ATOM   395 N NE2 . GLN A 1 61 ? -3.116  -11.799 8.872   1.00 19.27 ? 60  GLN A NE2 1 
ATOM   396 N N   . LEU A 1 62 ? -3.390  -10.447 2.648   1.00 21.10 ? 61  LEU A N   1 
ATOM   397 C CA  . LEU A 1 62 ? -3.654  -9.112  2.067   1.00 20.64 ? 61  LEU A CA  1 
ATOM   398 C C   . LEU A 1 62 ? -4.052  -9.138  0.598   1.00 20.42 ? 61  LEU A C   1 
ATOM   399 O O   . LEU A 1 62 ? -3.378  -9.737  -0.219  1.00 19.30 ? 61  LEU A O   1 
ATOM   400 C CB  . LEU A 1 62 ? -2.423  -8.201  2.288   1.00 20.24 ? 61  LEU A CB  1 
ATOM   401 C CG  . LEU A 1 62 ? -1.981  -8.001  3.752   1.00 18.49 ? 61  LEU A CG  1 
ATOM   402 C CD1 . LEU A 1 62 ? -0.792  -7.011  3.723   1.00 18.77 ? 61  LEU A CD1 1 
ATOM   403 C CD2 . LEU A 1 62 ? -3.099  -7.507  4.694   1.00 18.41 ? 61  LEU A CD2 1 
ATOM   404 N N   . VAL A 1 63 ? -5.156  -8.473  0.250   1.00 20.87 ? 62  VAL A N   1 
ATOM   405 C CA  . VAL A 1 63 ? -5.513  -8.363  -1.147  1.00 21.94 ? 62  VAL A CA  1 
ATOM   406 C C   . VAL A 1 63 ? -5.682  -6.896  -1.486  1.00 21.47 ? 62  VAL A C   1 
ATOM   407 O O   . VAL A 1 63 ? -6.505  -6.216  -0.896  1.00 22.63 ? 62  VAL A O   1 
ATOM   408 C CB  . VAL A 1 63 ? -6.815  -9.107  -1.502  1.00 23.42 ? 62  VAL A CB  1 
ATOM   409 C CG1 . VAL A 1 63 ? -7.153  -8.930  -2.999  1.00 22.17 ? 62  VAL A CG1 1 
ATOM   410 C CG2 . VAL A 1 63 ? -6.715  -10.608 -1.125  1.00 25.73 ? 62  VAL A CG2 1 
ATOM   411 N N   . LEU A 1 64 ? -4.879  -6.404  -2.415  1.00 21.96 ? 63  LEU A N   1 
ATOM   412 C CA  . LEU A 1 64 ? -4.890  -4.990  -2.743  1.00 21.76 ? 63  LEU A CA  1 
ATOM   413 C C   . LEU A 1 64 ? -5.523  -4.826  -4.110  1.00 21.79 ? 63  LEU A C   1 
ATOM   414 O O   . LEU A 1 64 ? -5.268  -5.605  -5.019  1.00 22.75 ? 63  LEU A O   1 
ATOM   415 C CB  . LEU A 1 64 ? -3.477  -4.395  -2.737  1.00 21.96 ? 63  LEU A CB  1 
ATOM   416 C CG  . LEU A 1 64 ? -2.729  -4.222  -1.398  1.00 23.05 ? 63  LEU A CG  1 
ATOM   417 C CD1 . LEU A 1 64 ? -1.319  -3.736  -1.681  1.00 22.03 ? 63  LEU A CD1 1 
ATOM   418 C CD2 . LEU A 1 64 ? -3.473  -3.196  -0.474  1.00 23.74 ? 63  LEU A CD2 1 
ATOM   419 N N   . ILE A 1 65 ? -6.359  -3.814  -4.234  1.00 21.42 ? 64  ILE A N   1 
ATOM   420 C CA  . ILE A 1 65 ? -7.092  -3.534  -5.479  1.00 21.63 ? 64  ILE A CA  1 
ATOM   421 C C   . ILE A 1 65 ? -6.951  -2.029  -5.793  1.00 20.90 ? 64  ILE A C   1 
ATOM   422 O O   . ILE A 1 65 ? -7.132  -1.159  -4.924  1.00 20.40 ? 64  ILE A O   1 
ATOM   423 C CB  . ILE A 1 65 ? -8.606  -3.876  -5.347  1.00 21.73 ? 64  ILE A CB  1 
ATOM   424 C CG1 . ILE A 1 65 ? -8.816  -5.319  -4.884  1.00 22.86 ? 64  ILE A CG1 1 
ATOM   425 C CG2 . ILE A 1 65 ? -9.357  -3.766  -6.702  1.00 23.65 ? 64  ILE A CG2 1 
ATOM   426 C CD1 . ILE A 1 65 ? -9.920  -5.466  -3.894  1.00 29.72 ? 64  ILE A CD1 1 
ATOM   427 N N   . PHE A 1 66 ? -6.671  -1.754  -7.045  1.00 21.15 ? 65  PHE A N   1 
ATOM   428 C CA  . PHE A 1 66 ? -6.685  -0.402  -7.594  1.00 22.40 ? 65  PHE A CA  1 
ATOM   429 C C   . PHE A 1 66 ? -7.143  -0.479  -9.042  1.00 22.65 ? 65  PHE A C   1 
ATOM   430 O O   . PHE A 1 66 ? -6.757  -1.409  -9.778  1.00 22.77 ? 65  PHE A O   1 
ATOM   431 C CB  . PHE A 1 66 ? -5.298  0.272   -7.500  1.00 21.93 ? 65  PHE A CB  1 
ATOM   432 C CG  . PHE A 1 66 ? -5.277  1.689   -8.052  1.00 22.64 ? 65  PHE A CG  1 
ATOM   433 C CD1 . PHE A 1 66 ? -5.827  2.755   -7.339  1.00 23.98 ? 65  PHE A CD1 1 
ATOM   434 C CD2 . PHE A 1 66 ? -4.690  1.951   -9.313  1.00 24.24 ? 65  PHE A CD2 1 
ATOM   435 C CE1 . PHE A 1 66 ? -5.797  4.062   -7.882  1.00 22.47 ? 65  PHE A CE1 1 
ATOM   436 C CE2 . PHE A 1 66 ? -4.657  3.262   -9.849  1.00 25.11 ? 65  PHE A CE2 1 
ATOM   437 C CZ  . PHE A 1 66 ? -5.189  4.301   -9.129  1.00 23.53 ? 65  PHE A CZ  1 
ATOM   438 N N   . ALA A 1 67 ? -7.974  0.503   -9.433  1.00 23.98 ? 66  ALA A N   1 
ATOM   439 C CA  . ALA A 1 67 ? -8.654  0.567   -10.740 1.00 23.04 ? 66  ALA A CA  1 
ATOM   440 C C   . ALA A 1 67 ? -9.415  -0.745  -10.975 1.00 23.73 ? 66  ALA A C   1 
ATOM   441 O O   . ALA A 1 67 ? -9.506  -1.191  -12.103 1.00 24.02 ? 66  ALA A O   1 
ATOM   442 C CB  . ALA A 1 67 ? -7.649  0.896   -11.943 1.00 24.01 ? 66  ALA A CB  1 
ATOM   443 N N   . GLY A 1 68 ? -9.935  -1.370  -9.910  1.00 25.06 ? 67  GLY A N   1 
ATOM   444 C CA  . GLY A 1 68 ? -10.698 -2.643  -10.047 1.00 24.99 ? 67  GLY A CA  1 
ATOM   445 C C   . GLY A 1 68 ? -9.865  -3.882  -10.341 1.00 25.19 ? 67  GLY A C   1 
ATOM   446 O O   . GLY A 1 68 ? -10.417 -4.946  -10.642 1.00 25.55 ? 67  GLY A O   1 
ATOM   447 N N   . LYS A 1 69 ? -8.540  -3.740  -10.284 1.00 24.90 ? 68  LYS A N   1 
ATOM   448 C CA  . LYS A 1 69 ? -7.627  -4.841  -10.552 1.00 25.84 ? 68  LYS A CA  1 
ATOM   449 C C   . LYS A 1 69 ? -6.939  -5.262  -9.259  1.00 25.82 ? 68  LYS A C   1 
ATOM   450 O O   . LYS A 1 69 ? -6.518  -4.408  -8.502  1.00 25.05 ? 68  LYS A O   1 
ATOM   451 C CB  . LYS A 1 69 ? -6.565  -4.460  -11.578 1.00 25.91 ? 68  LYS A CB  1 
ATOM   452 C CG  . LYS A 1 69 ? -7.046  -4.281  -13.007 1.00 31.48 ? 68  LYS A CG  1 
ATOM   453 C CD  . LYS A 1 69 ? -5.900  -3.679  -13.813 1.00 38.65 ? 68  LYS A CD  1 
ATOM   454 C CE  . LYS A 1 69 ? -6.332  -3.236  -15.199 1.00 44.46 ? 68  LYS A CE  1 
ATOM   455 N NZ  . LYS A 1 69 ? -6.717  -4.415  -16.035 1.00 49.37 ? 68  LYS A NZ  1 
ATOM   456 N N   . ILE A 1 70 ? -6.869  -6.579  -9.005  1.00 24.92 ? 69  ILE A N   1 
ATOM   457 C CA  . ILE A 1 70 ? -6.102  -7.137  -7.890  1.00 25.92 ? 69  ILE A CA  1 
ATOM   458 C C   . ILE A 1 70 ? -4.621  -6.914  -8.192  1.00 24.07 ? 69  ILE A C   1 
ATOM   459 O O   . ILE A 1 70 ? -4.134  -7.271  -9.256  1.00 25.60 ? 69  ILE A O   1 
ATOM   460 C CB  . ILE A 1 70 ? -6.472  -8.643  -7.662  1.00 26.16 ? 69  ILE A CB  1 
ATOM   461 C CG1 . ILE A 1 70 ? -7.854  -8.741  -6.977  1.00 25.14 ? 69  ILE A CG1 1 
ATOM   462 C CG2 . ILE A 1 70 ? -5.403  -9.313  -6.824  1.00 27.60 ? 69  ILE A CG2 1 
ATOM   463 C CD1 . ILE A 1 70 ? -8.409  -10.178 -6.962  1.00 28.19 ? 69  ILE A CD1 1 
ATOM   464 N N   . LEU A 1 71 ? -3.930  -6.240  -7.301  1.00 23.62 ? 70  LEU A N   1 
ATOM   465 C CA  . LEU A 1 71 ? -2.545  -5.840  -7.593  1.00 23.17 ? 70  LEU A CA  1 
ATOM   466 C C   . LEU A 1 71 ? -1.557  -6.991  -7.372  1.00 24.16 ? 70  LEU A C   1 
ATOM   467 O O   . LEU A 1 71 ? -1.701  -7.751  -6.457  1.00 24.85 ? 70  LEU A O   1 
ATOM   468 C CB  . LEU A 1 71 ? -2.165  -4.618  -6.746  1.00 23.31 ? 70  LEU A CB  1 
ATOM   469 C CG  . LEU A 1 71 ? -3.113  -3.433  -6.978  1.00 23.38 ? 70  LEU A CG  1 
ATOM   470 C CD1 . LEU A 1 71 ? -2.697  -2.255  -6.119  1.00 21.49 ? 70  LEU A CD1 1 
ATOM   471 C CD2 . LEU A 1 71 ? -3.307  -3.072  -8.485  1.00 22.05 ? 70  LEU A CD2 1 
ATOM   472 N N   . LYS A 1 72 ? -0.537  -7.086  -8.211  1.00 24.72 ? 71  LYS A N   1 
ATOM   473 C CA  . LYS A 1 72 ? 0.397   -8.223  -8.191  1.00 26.49 ? 71  LYS A CA  1 
ATOM   474 C C   . LYS A 1 72 ? 1.748   -7.841  -7.637  1.00 24.89 ? 71  LYS A C   1 
ATOM   475 O O   . LYS A 1 72 ? 2.289   -6.791  -7.987  1.00 23.74 ? 71  LYS A O   1 
ATOM   476 C CB  . LYS A 1 72 ? 0.605   -8.735  -9.625  1.00 27.90 ? 71  LYS A CB  1 
ATOM   477 C CG  . LYS A 1 72 ? -0.654  -9.434  -10.205 1.00 32.50 ? 71  LYS A CG  1 
ATOM   478 C CD  . LYS A 1 72 ? -0.372  -10.029 -11.561 1.00 42.48 ? 71  LYS A CD  1 
ATOM   479 C CE  . LYS A 1 72 ? -0.672  -9.017  -12.657 1.00 48.40 ? 71  LYS A CE  1 
ATOM   480 N NZ  . LYS A 1 72 ? -2.131  -9.142  -13.076 1.00 53.11 ? 71  LYS A NZ  1 
ATOM   481 N N   . ASP A 1 73 ? 2.284   -8.713  -6.790  1.00 25.51 ? 72  ASP A N   1 
ATOM   482 C CA  . ASP A 1 73 ? 3.490   -8.465  -6.005  1.00 26.75 ? 72  ASP A CA  1 
ATOM   483 C C   . ASP A 1 73 ? 4.641   -7.762  -6.694  1.00 27.44 ? 72  ASP A C   1 
ATOM   484 O O   . ASP A 1 73 ? 5.142   -6.792  -6.158  1.00 27.35 ? 72  ASP A O   1 
ATOM   485 C CB  . ASP A 1 73 ? 3.979   -9.744  -5.356  1.00 26.79 ? 72  ASP A CB  1 
ATOM   486 C CG  . ASP A 1 73 ? 3.086   -10.180 -4.242  1.00 30.19 ? 72  ASP A CG  1 
ATOM   487 O OD1 . ASP A 1 73 ? 2.280   -9.379  -3.726  1.00 33.15 ? 72  ASP A OD1 1 
ATOM   488 O OD2 . ASP A 1 73 ? 3.166   -11.347 -3.876  1.00 38.45 ? 72  ASP A OD2 1 
ATOM   489 N N   . PRO A 1 74 ? 5.085   -8.256  -7.873  1.00 30.24 ? 73  PRO A N   1 
ATOM   490 C CA  . PRO A 1 74 ? 6.267   -7.581  -8.445  1.00 30.88 ? 73  PRO A CA  1 
ATOM   491 C C   . PRO A 1 74 ? 6.094   -6.176  -8.977  1.00 31.22 ? 73  PRO A C   1 
ATOM   492 O O   . PRO A 1 74 ? 7.095   -5.526  -9.215  1.00 33.28 ? 73  PRO A O   1 
ATOM   493 C CB  . PRO A 1 74 ? 6.723   -8.541  -9.563  1.00 31.06 ? 73  PRO A CB  1 
ATOM   494 C CG  . PRO A 1 74 ? 5.536   -9.317  -9.954  1.00 31.63 ? 73  PRO A CG  1 
ATOM   495 C CD  . PRO A 1 74 ? 4.666   -9.428  -8.695  1.00 30.73 ? 73  PRO A CD  1 
ATOM   496 N N   . ASP A 1 75 ? 4.867   -5.680  -9.165  1.00 31.03 ? 74  ASP A N   1 
ATOM   497 C CA  . ASP A 1 75 ? 4.689   -4.421  -9.869  1.00 30.00 ? 74  ASP A CA  1 
ATOM   498 C C   . ASP A 1 75 ? 4.943   -3.280  -8.927  1.00 29.63 ? 74  ASP A C   1 
ATOM   499 O O   . ASP A 1 75 ? 4.713   -3.415  -7.723  1.00 27.97 ? 74  ASP A O   1 
ATOM   500 C CB  . ASP A 1 75 ? 3.251   -4.257  -10.399 1.00 30.58 ? 74  ASP A CB  1 
ATOM   501 C CG  . ASP A 1 75 ? 2.911   -5.212  -11.526 1.00 34.55 ? 74  ASP A CG  1 
ATOM   502 O OD1 . ASP A 1 75 ? 3.835   -5.828  -12.143 1.00 34.98 ? 74  ASP A OD1 1 
ATOM   503 O OD2 . ASP A 1 75 ? 1.683   -5.354  -11.760 1.00 33.95 ? 74  ASP A OD2 1 
ATOM   504 N N   . SER A 1 76 ? 5.362   -2.136  -9.469  1.00 28.50 ? 75  SER A N   1 
ATOM   505 C CA  . SER A 1 76 ? 5.509   -0.951  -8.640  1.00 29.50 ? 75  SER A CA  1 
ATOM   506 C C   . SER A 1 76 ? 4.193   -0.227  -8.612  1.00 29.55 ? 75  SER A C   1 
ATOM   507 O O   . SER A 1 76 ? 3.369   -0.369  -9.511  1.00 29.63 ? 75  SER A O   1 
ATOM   508 C CB  . SER A 1 76 ? 6.597   0.013   -9.180  1.00 29.02 ? 75  SER A CB  1 
ATOM   509 O OG  . SER A 1 76 ? 6.159   0.551   -10.419 1.00 30.08 ? 75  SER A OG  1 
ATOM   510 N N   . LEU A 1 77 ? 4.041   0.609   -7.604  1.00 29.85 ? 76  LEU A N   1 
ATOM   511 C CA  . LEU A 1 77 ? 2.887   1.468   -7.507  1.00 30.67 ? 76  LEU A CA  1 
ATOM   512 C C   . LEU A 1 77 ? 2.672   2.313   -8.760  1.00 32.09 ? 76  LEU A C   1 
ATOM   513 O O   . LEU A 1 77 ? 1.559   2.404   -9.276  1.00 32.10 ? 76  LEU A O   1 
ATOM   514 C CB  . LEU A 1 77 ? 3.029   2.342   -6.271  1.00 30.20 ? 76  LEU A CB  1 
ATOM   515 C CG  . LEU A 1 77 ? 2.808   1.617   -4.932  1.00 29.90 ? 76  LEU A CG  1 
ATOM   516 C CD1 . LEU A 1 77 ? 2.979   2.570   -3.798  1.00 29.63 ? 76  LEU A CD1 1 
ATOM   517 C CD2 . LEU A 1 77 ? 1.434   0.956   -4.861  1.00 33.82 ? 76  LEU A CD2 1 
ATOM   518 N N   . ALA A 1 78 ? 3.754   2.910   -9.257  1.00 33.69 ? 77  ALA A N   1 
ATOM   519 C CA  . ALA A 1 78 ? 3.745   3.700   -10.484 1.00 34.79 ? 77  ALA A CA  1 
ATOM   520 C C   . ALA A 1 78 ? 3.197   2.923   -11.688 1.00 35.26 ? 77  ALA A C   1 
ATOM   521 O O   . ALA A 1 78 ? 2.276   3.390   -12.326 1.00 35.84 ? 77  ALA A O   1 
ATOM   522 C CB  . ALA A 1 78 ? 5.157   4.286   -10.761 1.00 35.43 ? 77  ALA A CB  1 
ATOM   523 N N   . GLN A 1 79 ? 3.700   1.720   -11.956 1.00 35.97 ? 78  GLN A N   1 
ATOM   524 C CA  . GLN A 1 79 ? 3.186   0.813   -13.003 1.00 36.15 ? 78  GLN A CA  1 
ATOM   525 C C   . GLN A 1 79 ? 1.702   0.491   -12.904 1.00 36.34 ? 78  GLN A C   1 
ATOM   526 O O   . GLN A 1 79 ? 1.052   0.209   -13.915 1.00 35.79 ? 78  GLN A O   1 
ATOM   527 C CB  . GLN A 1 79 ? 3.855   -0.555  -12.897 1.00 36.83 ? 78  GLN A CB  1 
ATOM   528 C CG  . GLN A 1 79 ? 5.214   -0.694  -13.450 1.00 42.78 ? 78  GLN A CG  1 
ATOM   529 C CD  . GLN A 1 79 ? 5.817   -2.032  -13.032 1.00 49.33 ? 78  GLN A CD  1 
ATOM   530 O OE1 . GLN A 1 79 ? 6.649   -2.088  -12.130 1.00 49.99 ? 78  GLN A OE1 1 
ATOM   531 N NE2 . GLN A 1 79 ? 5.361   -3.123  -13.659 1.00 52.92 ? 78  GLN A NE2 1 
ATOM   532 N N   . CYS A 1 80 ? 1.205   0.429   -11.662 1.00 35.27 ? 79  CYS A N   1 
ATOM   533 C CA  . CYS A 1 80 ? -0.189  0.152   -11.399 1.00 35.09 ? 79  CYS A CA  1 
ATOM   534 C C   . CYS A 1 80 ? -1.065  1.396   -11.644 1.00 33.50 ? 79  CYS A C   1 
ATOM   535 O O   . CYS A 1 80 ? -2.262  1.289   -11.675 1.00 33.38 ? 79  CYS A O   1 
ATOM   536 C CB  . CYS A 1 80 ? -0.359  -0.346  -9.938  1.00 34.30 ? 79  CYS A CB  1 
ATOM   537 S SG  . CYS A 1 80 ? 0.390   -1.956  -9.576  1.00 35.30 ? 79  CYS A SG  1 
ATOM   538 N N   . GLY A 1 81 ? -0.457  2.568   -11.767 1.00 32.64 ? 80  GLY A N   1 
ATOM   539 C CA  . GLY A 1 81 ? -1.202  3.814   -11.832 1.00 31.07 ? 80  GLY A CA  1 
ATOM   540 C C   . GLY A 1 81 ? -1.553  4.490   -10.508 1.00 30.40 ? 80  GLY A C   1 
ATOM   541 O O   . GLY A 1 81 ? -2.361  5.429   -10.483 1.00 29.90 ? 80  GLY A O   1 
ATOM   542 N N   . VAL A 1 82 ? -0.957  4.024   -9.411  1.00 29.16 ? 81  VAL A N   1 
ATOM   543 C CA  . VAL A 1 82 ? -1.207  4.600   -8.100  1.00 29.25 ? 81  VAL A CA  1 
ATOM   544 C C   . VAL A 1 82 ? -0.378  5.874   -7.981  1.00 30.43 ? 81  VAL A C   1 
ATOM   545 O O   . VAL A 1 82 ? 0.811   5.839   -8.189  1.00 31.74 ? 81  VAL A O   1 
ATOM   546 C CB  . VAL A 1 82 ? -0.873  3.565   -6.973  1.00 28.25 ? 81  VAL A CB  1 
ATOM   547 C CG1 . VAL A 1 82 ? -1.133  4.168   -5.581  1.00 28.66 ? 81  VAL A CG1 1 
ATOM   548 C CG2 . VAL A 1 82 ? -1.710  2.330   -7.157  1.00 25.93 ? 81  VAL A CG2 1 
ATOM   549 N N   . ARG A 1 83 ? -0.998  7.008   -7.696  1.00 30.75 ? 82  ARG A N   1 
ATOM   550 C CA  . ARG A 1 83 ? -0.261  8.255   -7.627  1.00 32.52 ? 82  ARG A CA  1 
ATOM   551 C C   . ARG A 1 83 ? -0.557  8.856   -6.293  1.00 30.92 ? 82  ARG A C   1 
ATOM   552 O O   . ARG A 1 83 ? -1.496  8.410   -5.579  1.00 29.84 ? 82  ARG A O   1 
ATOM   553 C CB  . ARG A 1 83 ? -0.738  9.244   -8.707  1.00 31.59 ? 82  ARG A CB  1 
ATOM   554 C CG  . ARG A 1 83 ? -0.663  8.761   -10.164 1.00 35.81 ? 82  ARG A CG  1 
ATOM   555 C CD  . ARG A 1 83 ? -1.220  9.921   -11.107 1.00 40.21 ? 82  ARG A CD  1 
ATOM   556 N NE  . ARG A 1 83 ? -2.683  9.869   -11.393 1.00 49.12 ? 82  ARG A NE  1 
ATOM   557 C CZ  . ARG A 1 83 ? -3.592  10.686  -10.858 1.00 48.08 ? 82  ARG A CZ  1 
ATOM   558 N NH1 . ARG A 1 83 ? -3.189  11.617  -9.987  1.00 52.33 ? 82  ARG A NH1 1 
ATOM   559 N NH2 . ARG A 1 83 ? -4.893  10.555  -11.165 1.00 49.29 ? 82  ARG A NH2 1 
ATOM   560 N N   . ASP A 1 84 ? 0.237   9.882   -5.960  1.00 29.20 ? 83  ASP A N   1 
ATOM   561 C CA  . ASP A 1 84 ? 0.054   10.686  -4.744  1.00 28.93 ? 83  ASP A CA  1 
ATOM   562 C C   . ASP A 1 84 ? -1.388  11.087  -4.511  1.00 28.08 ? 83  ASP A C   1 
ATOM   563 O O   . ASP A 1 84 ? -2.026  11.634  -5.400  1.00 27.88 ? 83  ASP A O   1 
ATOM   564 C CB  . ASP A 1 84 ? 0.919   11.938  -4.802  1.00 28.99 ? 83  ASP A CB  1 
ATOM   565 C CG  . ASP A 1 84 ? 1.005   12.628  -3.484  1.00 31.83 ? 83  ASP A CG  1 
ATOM   566 O OD1 . ASP A 1 84 ? 0.952   11.967  -2.415  1.00 28.11 ? 83  ASP A OD1 1 
ATOM   567 O OD2 . ASP A 1 84 ? 1.113   13.859  -3.520  1.00 36.04 ? 83  ASP A OD2 1 
ATOM   568 N N   . GLY A 1 85 ? -1.919  10.773  -3.334  1.00 26.50 ? 84  GLY A N   1 
ATOM   569 C CA  . GLY A 1 85 ? -3.266  11.200  -2.947  1.00 24.96 ? 84  GLY A CA  1 
ATOM   570 C C   . GLY A 1 85 ? -4.368  10.258  -3.388  1.00 24.68 ? 84  GLY A C   1 
ATOM   571 O O   . GLY A 1 85 ? -5.544  10.508  -3.128  1.00 25.46 ? 84  GLY A O   1 
ATOM   572 N N   . LEU A 1 86 ? -4.024  9.187   -4.080  1.00 23.86 ? 85  LEU A N   1 
ATOM   573 C CA  . LEU A 1 86 ? -5.053  8.210   -4.493  1.00 24.40 ? 85  LEU A CA  1 
ATOM   574 C C   . LEU A 1 86 ? -5.295  7.107   -3.441  1.00 25.44 ? 85  LEU A C   1 
ATOM   575 O O   . LEU A 1 86 ? -4.591  7.055   -2.403  1.00 25.10 ? 85  LEU A O   1 
ATOM   576 C CB  . LEU A 1 86 ? -4.721  7.623   -5.859  1.00 23.07 ? 85  LEU A CB  1 
ATOM   577 C CG  . LEU A 1 86 ? -4.696  8.614   -7.037  1.00 25.19 ? 85  LEU A CG  1 
ATOM   578 C CD1 . LEU A 1 86 ? -4.500  7.789   -8.337  1.00 22.26 ? 85  LEU A CD1 1 
ATOM   579 C CD2 . LEU A 1 86 ? -5.949  9.479   -7.145  1.00 22.21 ? 85  LEU A CD2 1 
ATOM   580 N N   . THR A 1 87 ? -6.310  6.264   -3.698  1.00 25.68 ? 86  THR A N   1 
ATOM   581 C CA  . THR A 1 87 ? -6.832  5.280   -2.728  1.00 25.52 ? 86  THR A CA  1 
ATOM   582 C C   . THR A 1 87 ? -6.643  3.850   -3.274  1.00 25.18 ? 86  THR A C   1 
ATOM   583 O O   . THR A 1 87 ? -7.006  3.507   -4.423  1.00 23.98 ? 86  THR A O   1 
ATOM   584 C CB  . THR A 1 87 ? -8.328  5.585   -2.314  1.00 26.57 ? 86  THR A CB  1 
ATOM   585 O OG1 . THR A 1 87 ? -8.352  6.789   -1.572  1.00 26.37 ? 86  THR A OG1 1 
ATOM   586 C CG2 . THR A 1 87 ? -8.944  4.517   -1.403  1.00 26.33 ? 86  THR A CG2 1 
ATOM   587 N N   . VAL A 1 88 ? -6.013  3.015   -2.459  1.00 23.85 ? 87  VAL A N   1 
ATOM   588 C CA  . VAL A 1 88 ? -5.968  1.631   -2.773  1.00 23.87 ? 87  VAL A CA  1 
ATOM   589 C C   . VAL A 1 88 ? -6.927  0.926   -1.804  1.00 23.25 ? 87  VAL A C   1 
ATOM   590 O O   . VAL A 1 88 ? -6.934  1.230   -0.595  1.00 23.08 ? 87  VAL A O   1 
ATOM   591 C CB  . VAL A 1 88 ? -4.505  1.138   -2.697  1.00 24.78 ? 87  VAL A CB  1 
ATOM   592 C CG1 . VAL A 1 88 ? -4.463  -0.346  -2.809  1.00 26.22 ? 87  VAL A CG1 1 
ATOM   593 C CG2 . VAL A 1 88 ? -3.741  1.734   -3.871  1.00 23.62 ? 87  VAL A CG2 1 
ATOM   594 N N   . HIS A 1 89 ? -7.749  0.021   -2.335  1.00 22.76 ? 88  HIS A N   1 
ATOM   595 C CA  . HIS A 1 89 ? -8.618  -0.828  -1.515  1.00 22.41 ? 88  HIS A CA  1 
ATOM   596 C C   . HIS A 1 89 ? -7.894  -2.082  -1.020  1.00 23.03 ? 88  HIS A C   1 
ATOM   597 O O   . HIS A 1 89 ? -7.125  -2.661  -1.735  1.00 23.24 ? 88  HIS A O   1 
ATOM   598 C CB  . HIS A 1 89 ? -9.898  -1.172  -2.301  1.00 23.20 ? 88  HIS A CB  1 
ATOM   599 C CG  . HIS A 1 89 ? -10.792 0.009   -2.449  1.00 24.37 ? 88  HIS A CG  1 
ATOM   600 N ND1 . HIS A 1 89 ? -10.642 0.927   -3.471  1.00 25.64 ? 88  HIS A ND1 1 
ATOM   601 C CD2 . HIS A 1 89 ? -11.778 0.480   -1.655  1.00 22.78 ? 88  HIS A CD2 1 
ATOM   602 C CE1 . HIS A 1 89 ? -11.508 1.911   -3.306  1.00 21.91 ? 88  HIS A CE1 1 
ATOM   603 N NE2 . HIS A 1 89 ? -12.219 1.656   -2.218  1.00 28.45 ? 88  HIS A NE2 1 
ATOM   604 N N   . LEU A 1 90 ? -8.124  -2.432  0.235   1.00 23.43 ? 89  LEU A N   1 
ATOM   605 C CA  . LEU A 1 90 ? -7.490  -3.573  0.902   1.00 23.60 ? 89  LEU A CA  1 
ATOM   606 C C   . LEU A 1 90 ? -8.560  -4.496  1.512   1.00 23.31 ? 89  LEU A C   1 
ATOM   607 O O   . LEU A 1 90 ? -9.404  -4.048  2.278   1.00 22.71 ? 89  LEU A O   1 
ATOM   608 C CB  . LEU A 1 90 ? -6.521  -3.120  2.021   1.00 22.52 ? 89  LEU A CB  1 
ATOM   609 C CG  . LEU A 1 90 ? -5.940  -4.237  2.941   1.00 23.03 ? 89  LEU A CG  1 
ATOM   610 C CD1 . LEU A 1 90 ? -5.048  -5.176  2.104   1.00 21.01 ? 89  LEU A CD1 1 
ATOM   611 C CD2 . LEU A 1 90 ? -5.152  -3.611  4.045   1.00 23.39 ? 89  LEU A CD2 1 
ATOM   612 N N   . VAL A 1 91 ? -8.473  -5.778  1.190   1.00 24.22 ? 90  VAL A N   1 
ATOM   613 C CA  . VAL A 1 91 ? -9.205  -6.780  1.950   1.00 26.75 ? 90  VAL A CA  1 
ATOM   614 C C   . VAL A 1 91 ? -8.175  -7.609  2.741   1.00 26.42 ? 90  VAL A C   1 
ATOM   615 O O   . VAL A 1 91 ? -7.204  -8.069  2.166   1.00 26.14 ? 90  VAL A O   1 
ATOM   616 C CB  . VAL A 1 91 ? -10.007 -7.707  1.010   1.00 26.52 ? 90  VAL A CB  1 
ATOM   617 C CG1 . VAL A 1 91 ? -10.720 -8.780  1.819   1.00 29.64 ? 90  VAL A CG1 1 
ATOM   618 C CG2 . VAL A 1 91 ? -10.999 -6.901  0.185   1.00 29.61 ? 90  VAL A CG2 1 
ATOM   619 N N   . ILE A 1 92 ? -8.384  -7.733  4.054   1.00 27.40 ? 91  ILE A N   1 
ATOM   620 C CA  . ILE A 1 92 ? -7.549  -8.545  4.940   1.00 28.22 ? 91  ILE A CA  1 
ATOM   621 C C   . ILE A 1 92 ? -8.393  -9.781  5.204   1.00 28.33 ? 91  ILE A C   1 
ATOM   622 O O   . ILE A 1 92 ? -9.443  -9.686  5.839   1.00 28.38 ? 91  ILE A O   1 
ATOM   623 C CB  . ILE A 1 92 ? -7.219  -7.799  6.243   1.00 27.85 ? 91  ILE A CB  1 
ATOM   624 C CG1 . ILE A 1 92 ? -6.495  -6.489  5.892   1.00 28.64 ? 91  ILE A CG1 1 
ATOM   625 C CG2 . ILE A 1 92 ? -6.349  -8.694  7.178   1.00 27.17 ? 91  ILE A CG2 1 
ATOM   626 C CD1 . ILE A 1 92 ? -6.036  -5.649  7.070   1.00 28.88 ? 91  ILE A CD1 1 
ATOM   627 N N   . LYS A 1 93 ? -7.983  -10.888 4.599   1.00 28.63 ? 92  LYS A N   1 
ATOM   628 C CA  . LYS A 1 93 ? -8.645  -12.169 4.755   1.00 30.34 ? 92  LYS A CA  1 
ATOM   629 C C   . LYS A 1 93 ? -8.487  -12.586 6.226   1.00 31.65 ? 92  LYS A C   1 
ATOM   630 O O   . LYS A 1 93 ? -7.394  -12.550 6.794   1.00 31.30 ? 92  LYS A O   1 
ATOM   631 C CB  . LYS A 1 93 ? -8.085  -13.195 3.769   1.00 29.92 ? 92  LYS A CB  1 
ATOM   632 C CG  . LYS A 1 93 ? -8.329  -12.835 2.304   1.00 29.86 ? 92  LYS A CG  1 
ATOM   633 C CD  . LYS A 1 93 ? -7.915  -13.912 1.355   1.00 30.79 ? 92  LYS A CD  1 
ATOM   634 C CE  . LYS A 1 93 ? -6.446  -13.875 1.046   1.00 31.09 ? 92  LYS A CE  1 
ATOM   635 N NZ  . LYS A 1 93 ? -6.056  -15.069 0.228   1.00 32.74 ? 92  LYS A NZ  1 
ATOM   636 N N   . ARG A 1 94 ? -9.615  -12.893 6.852   1.00 33.43 ? 93  ARG A N   1 
ATOM   637 C CA  . ARG A 1 94 ? -9.738  -13.236 8.276   1.00 36.15 ? 93  ARG A CA  1 
ATOM   638 C C   . ARG A 1 94 ? -9.042  -14.590 8.526   1.00 35.76 ? 93  ARG A C   1 
ATOM   639 O O   . ARG A 1 94 ? -9.277  -15.553 7.784   1.00 36.16 ? 93  ARG A O   1 
ATOM   640 C CB  . ARG A 1 94 ? -11.255 -13.320 8.602   1.00 36.54 ? 93  ARG A CB  1 
ATOM   641 C CG  . ARG A 1 94 ? -11.673 -13.347 10.089  1.00 41.62 ? 93  ARG A CG  1 
ATOM   642 C CD  . ARG A 1 94 ? -13.141 -13.886 10.356  1.00 41.63 ? 93  ARG A CD  1 
ATOM   643 N NE  . ARG A 1 94 ? -13.346 -15.244 9.836   1.00 52.21 ? 93  ARG A NE  1 
ATOM   644 C CZ  . ARG A 1 94 ? -13.240 -16.382 10.538  1.00 55.89 ? 93  ARG A CZ  1 
ATOM   645 N NH1 . ARG A 1 94 ? -12.938 -16.381 11.840  1.00 57.72 ? 93  ARG A NH1 1 
ATOM   646 N NH2 . ARG A 1 94 ? -13.438 -17.543 9.918   1.00 58.57 ? 93  ARG A NH2 1 
ATOM   647 N N   . GLN A 1 95 ? -8.203  -14.677 9.560   1.00 35.79 ? 94  GLN A N   1 
ATOM   648 C CA  . GLN A 1 95 ? -7.587  -15.968 9.923   1.00 36.19 ? 94  GLN A CA  1 
ATOM   649 C C   . GLN A 1 95 ? -8.648  -16.963 10.444  1.00 37.06 ? 94  GLN A C   1 
ATOM   650 O O   . GLN A 1 95 ? -9.519  -16.595 11.225  1.00 35.13 ? 94  GLN A O   1 
ATOM   651 C CB  . GLN A 1 95 ? -6.529  -15.791 11.002  1.00 35.56 ? 94  GLN A CB  1 
ATOM   652 C CG  . GLN A 1 95 ? -5.258  -15.194 10.504  1.00 32.68 ? 94  GLN A CG  1 
ATOM   653 C CD  . GLN A 1 95 ? -4.453  -14.558 11.597  1.00 31.94 ? 94  GLN A CD  1 
ATOM   654 O OE1 . GLN A 1 95 ? -4.936  -14.296 12.712  1.00 31.86 ? 94  GLN A OE1 1 
ATOM   655 N NE2 . GLN A 1 95 ? -3.188  -14.300 11.291  1.00 33.03 ? 94  GLN A NE2 1 
ATOM   656 N N   . HIS A 1 96 ? -8.538  -18.220 10.033  1.00 39.39 ? 95  HIS A N   1 
ATOM   657 C CA  . HIS A 1 96 ? -9.356  -19.261 10.631  1.00 42.33 ? 95  HIS A CA  1 
ATOM   658 C C   . HIS A 1 96 ? -8.989  -19.422 12.096  1.00 43.62 ? 95  HIS A C   1 
ATOM   659 O O   . HIS A 1 96 ? -7.881  -19.045 12.532  1.00 42.93 ? 95  HIS A O   1 
ATOM   660 C CB  . HIS A 1 96 ? -9.172  -20.588 9.896   1.00 43.07 ? 95  HIS A CB  1 
ATOM   661 C CG  . HIS A 1 96 ? -9.807  -20.610 8.547   1.00 45.54 ? 95  HIS A CG  1 
ATOM   662 N ND1 . HIS A 1 96 ? -11.066 -20.095 8.314   1.00 47.74 ? 95  HIS A ND1 1 
ATOM   663 C CD2 . HIS A 1 96 ? -9.358  -21.078 7.355   1.00 47.73 ? 95  HIS A CD2 1 
ATOM   664 C CE1 . HIS A 1 96 ? -11.364 -20.244 7.030   1.00 49.18 ? 95  HIS A CE1 1 
ATOM   665 N NE2 . HIS A 1 96 ? -10.345 -20.839 6.425   1.00 47.15 ? 95  HIS A NE2 1 
ATOM   666 N N   . ARG A 1 97 ? -9.935  -19.989 12.841  1.00 45.48 ? 96  ARG A N   1 
ATOM   667 C CA  . ARG A 1 97 ? -9.711  -20.433 14.235  1.00 47.29 ? 96  ARG A CA  1 
ATOM   668 C C   . ARG A 1 97 ? -8.710  -21.625 14.380  1.00 46.54 ? 96  ARG A C   1 
ATOM   669 O O   . ARG A 1 97 ? -8.091  -21.808 15.424  1.00 46.48 ? 96  ARG A O   1 
ATOM   670 C CB  . ARG A 1 97 ? -11.065 -20.774 14.874  1.00 47.65 ? 96  ARG A CB  1 
ATOM   671 C CG  . ARG A 1 97 ? -11.955 -19.571 15.004  1.00 52.81 ? 96  ARG A CG  1 
ATOM   672 C CD  . ARG A 1 97 ? -12.613 -19.591 16.343  1.00 60.83 ? 96  ARG A CD  1 
ATOM   673 N NE  . ARG A 1 97 ? -14.062 -19.743 16.232  1.00 68.24 ? 96  ARG A NE  1 
ATOM   674 C CZ  . ARG A 1 97 ? -14.822 -20.504 17.033  1.00 71.76 ? 96  ARG A CZ  1 
ATOM   675 N NH1 . ARG A 1 97 ? -14.275 -21.247 18.006  1.00 71.62 ? 96  ARG A NH1 1 
ATOM   676 N NH2 . ARG A 1 97 ? -16.146 -20.541 16.839  1.00 73.38 ? 96  ARG A NH2 1 
ATOM   677 N N   . ALA A 1 98 ? -8.575  -22.412 13.314  1.00 46.80 ? 97  ALA A N   1 
ATOM   678 C CA  . ALA A 1 98 ? -7.785  -23.618 13.308  1.00 47.61 ? 97  ALA A CA  1 
ATOM   679 C C   . ALA A 1 98 ? -7.200  -23.836 11.919  1.00 48.21 ? 97  ALA A C   1 
ATOM   680 O O   . ALA A 1 98 ? -7.750  -23.364 10.925  1.00 47.35 ? 97  ALA A O   1 
ATOM   681 C CB  . ALA A 1 98 ? -8.664  -24.824 13.723  1.00 47.58 ? 97  ALA A CB  1 
ATOM   682 N N   . MET A 1 99 ? -6.099  -24.591 11.870  1.00 49.78 ? 98  MET A N   1 
ATOM   683 C CA  . MET A 1 99 ? -5.378  -24.918 10.627  1.00 51.36 ? 98  MET A CA  1 
ATOM   684 C C   . MET A 1 99 ? -6.196  -25.764 9.658   1.00 51.94 ? 98  MET A C   1 
ATOM   685 O O   . MET A 1 99 ? -5.811  -25.900 8.495   1.00 53.43 ? 98  MET A O   1 
ATOM   686 C CB  . MET A 1 99 ? -4.070  -25.671 10.934  1.00 51.86 ? 98  MET A CB  1 
ATOM   687 C CG  . MET A 1 99 ? -2.985  -24.848 11.638  1.00 51.39 ? 98  MET A CG  1 
ATOM   688 S SD  . MET A 1 99 ? -1.966  -23.866 10.519  1.00 50.09 ? 98  MET A SD  1 
ATOM   689 C CE  . MET A 1 99 ? -1.063  -25.093 9.566   1.00 52.27 ? 98  MET A CE  1 
HETATM 690 O O   . HOH B 2 .  ? 8.492   -3.133  2.767   1.00 23.82 ? 100 HOH A O   1 
HETATM 691 O O   . HOH B 2 .  ? 9.672   -4.945  6.933   1.00 24.79 ? 101 HOH A O   1 
HETATM 692 O O   . HOH B 2 .  ? -3.137  -8.133  -3.962  1.00 21.79 ? 102 HOH A O   1 
HETATM 693 O O   . HOH B 2 .  ? 4.826   -8.787  1.160   1.00 26.22 ? 103 HOH A O   1 
HETATM 694 O O   . HOH B 2 .  ? -0.454  -5.246  -10.627 1.00 26.06 ? 104 HOH A O   1 
HETATM 695 O O   . HOH B 2 .  ? 8.721   -2.581  5.476   1.00 21.29 ? 105 HOH A O   1 
HETATM 696 O O   . HOH B 2 .  ? -8.274  -12.383 11.255  1.00 33.80 ? 106 HOH A O   1 
HETATM 697 O O   . HOH B 2 .  ? -12.365 -0.780  0.555   1.00 31.22 ? 107 HOH A O   1 
HETATM 698 O O   . HOH B 2 .  ? 7.848   2.830   0.513   1.00 32.69 ? 108 HOH A O   1 
HETATM 699 O O   . HOH B 2 .  ? -0.896  -11.466 -0.561  1.00 28.28 ? 109 HOH A O   1 
HETATM 700 O O   . HOH B 2 .  ? -11.241 -6.649  5.049   1.00 40.77 ? 110 HOH A O   1 
HETATM 701 O O   . HOH B 2 .  ? 6.281   2.532   2.757   1.00 32.79 ? 111 HOH A O   1 
HETATM 702 O O   . HOH B 2 .  ? -4.394  -1.418  -11.331 1.00 35.32 ? 112 HOH A O   1 
HETATM 703 O O   . HOH B 2 .  ? -6.304  11.931  -0.977  0.50 32.41 ? 113 HOH A O   1 
HETATM 704 O O   . HOH B 2 .  ? -8.036  9.121   -2.688  1.00 41.71 ? 114 HOH A O   1 
HETATM 705 O O   . HOH B 2 .  ? -3.424  7.196   8.768   1.00 34.13 ? 115 HOH A O   1 
HETATM 706 O O   . HOH B 2 .  ? 9.437   -6.371  -4.390  1.00 36.20 ? 116 HOH A O   1 
HETATM 707 O O   . HOH B 2 .  ? -13.119 -20.395 11.402  1.00 41.38 ? 117 HOH A O   1 
HETATM 708 O O   . HOH B 2 .  ? 0.968   -11.171 -6.880  1.00 45.15 ? 118 HOH A O   1 
HETATM 709 O O   . HOH B 2 .  ? 1.480   -12.287 0.212   1.00 37.15 ? 119 HOH A O   1 
HETATM 710 O O   . HOH B 2 .  ? 9.356   -13.039 -3.083  1.00 30.20 ? 120 HOH A O   1 
HETATM 711 O O   . HOH B 2 .  ? -1.701  13.218  -7.797  1.00 28.30 ? 121 HOH A O   1 
HETATM 712 O O   . HOH B 2 .  ? 10.724  -7.191  4.714   1.00 49.51 ? 122 HOH A O   1 
HETATM 713 O O   . HOH B 2 .  ? -1.485  -18.681 2.656   1.00 46.06 ? 123 HOH A O   1 
HETATM 714 O O   . HOH B 2 .  ? -6.899  -27.656 11.470  1.00 68.43 ? 124 HOH A O   1 
HETATM 715 O O   . HOH B 2 .  ? -2.937  -5.924  -11.823 1.00 51.95 ? 125 HOH A O   1 
HETATM 716 O O   . HOH B 2 .  ? -9.442  -3.197  8.623   1.00 47.54 ? 126 HOH A O   1 
HETATM 717 O O   . HOH B 2 .  ? 5.099   -12.822 -2.686  1.00 42.36 ? 127 HOH A O   1 
HETATM 718 O O   . HOH B 2 .  ? 3.587   0.609   13.389  1.00 51.68 ? 128 HOH A O   1 
HETATM 719 O O   . HOH B 2 .  ? 10.017  -5.336  1.981   1.00 27.02 ? 129 HOH A O   1 
HETATM 720 O O   . HOH B 2 .  ? 3.749   -10.916 -0.408  1.00 37.82 ? 130 HOH A O   1 
HETATM 721 O O   . HOH B 2 .  ? 9.088   -7.397  0.294   1.00 35.33 ? 131 HOH A O   1 
HETATM 722 O O   . HOH B 2 .  ? -3.383  -10.502 -3.238  1.00 40.63 ? 132 HOH A O   1 
HETATM 723 O O   . HOH B 2 .  ? -8.613  -8.475  -10.510 1.00 41.51 ? 133 HOH A O   1 
HETATM 724 O O   . HOH B 2 .  ? 0.588   -0.076  13.987  1.00 47.39 ? 134 HOH A O   1 
HETATM 725 O O   . HOH B 2 .  ? -7.386  -21.793 5.834   1.00 56.44 ? 135 HOH A O   1 
HETATM 726 O O   . HOH B 2 .  ? -2.642  -3.354  -12.052 1.00 43.69 ? 136 HOH A O   1 
HETATM 727 O O   . HOH B 2 .  ? -15.020 0.714   11.605  1.00 50.92 ? 137 HOH A O   1 
HETATM 728 O O   . HOH B 2 .  ? -12.422 -12.614 5.460   1.00 47.66 ? 138 HOH A O   1 
HETATM 729 O O   . HOH B 2 .  ? -10.084 6.855   0.588   1.00 51.64 ? 139 HOH A O   1 
HETATM 730 O O   . HOH B 2 .  ? -12.178 -10.055 5.053   1.00 56.67 ? 140 HOH A O   1 
HETATM 731 O O   . HOH B 2 .  ? -16.265 -8.406  9.322   1.00 58.06 ? 141 HOH A O   1 
HETATM 732 O O   . HOH B 2 .  ? 4.181   11.463  2.459   1.00 52.48 ? 142 HOH A O   1 
HETATM 733 O O   . HOH B 2 .  ? -1.335  -10.591 -5.840  1.00 48.25 ? 143 HOH A O   1 
HETATM 734 O O   . HOH B 2 .  ? 9.681   -11.681 -5.325  1.00 57.74 ? 144 HOH A O   1 
HETATM 735 O O   . HOH B 2 .  ? 1.365   15.517  -5.593  1.00 43.10 ? 145 HOH A O   1 
HETATM 736 O O   . HOH B 2 .  ? 3.988   12.773  0.231   1.00 50.37 ? 146 HOH A O   1 
HETATM 737 O O   . HOH B 2 .  ? 3.370   -17.681 1.862   1.00 50.29 ? 147 HOH A O   1 
HETATM 738 O O   . HOH B 2 .  ? 4.493   -10.153 9.060   1.00 45.75 ? 148 HOH A O   1 
HETATM 739 O O   . HOH B 2 .  ? 8.499   -15.548 -4.046  1.00 46.15 ? 149 HOH A O   1 
HETATM 740 O O   . HOH B 2 .  ? 2.792   20.584  0.173   1.00 58.16 ? 150 HOH A O   1 
HETATM 741 O O   . HOH B 2 .  ? -3.364  13.713  -9.586  1.00 35.89 ? 151 HOH A O   1 
HETATM 742 O O   . HOH B 2 .  ? 14.020  16.181  -3.453  1.00 49.57 ? 152 HOH A O   1 
HETATM 743 O O   . HOH B 2 .  ? -10.808 -4.984  7.201   1.00 56.30 ? 153 HOH A O   1 
HETATM 744 O O   . HOH B 2 .  ? -7.033  -1.971  -18.418 1.00 57.56 ? 154 HOH A O   1 
HETATM 745 O O   . HOH B 2 .  ? 1.803   8.499   6.780   1.00 47.19 ? 155 HOH A O   1 
HETATM 746 O O   . HOH B 2 .  ? -10.149 -14.914 13.707  1.00 64.02 ? 156 HOH A O   1 
# 
loop_
_pdbx_poly_seq_scheme.asym_id 
_pdbx_poly_seq_scheme.entity_id 
_pdbx_poly_seq_scheme.seq_id 
_pdbx_poly_seq_scheme.mon_id 
_pdbx_poly_seq_scheme.ndb_seq_num 
_pdbx_poly_seq_scheme.pdb_seq_num 
_pdbx_poly_seq_scheme.auth_seq_num 
_pdbx_poly_seq_scheme.pdb_mon_id 
_pdbx_poly_seq_scheme.auth_mon_id 
_pdbx_poly_seq_scheme.pdb_strand_id 
_pdbx_poly_seq_scheme.pdb_ins_code 
_pdbx_poly_seq_scheme.hetero 
A 1 1   MET 1   0  ?  ?   ?   A . n 
A 1 2   GLY 2   1  ?  ?   ?   A . n 
A 1 3   SER 3   2  ?  ?   ?   A . n 
A 1 4   SER 4   3  ?  ?   ?   A . n 
A 1 5   HIS 5   4  ?  ?   ?   A . n 
A 1 6   HIS 6   5  ?  ?   ?   A . n 
A 1 7   HIS 7   6  ?  ?   ?   A . n 
A 1 8   HIS 8   7  ?  ?   ?   A . n 
A 1 9   HIS 9   8  ?  ?   ?   A . n 
A 1 10  HIS 10  9  ?  ?   ?   A . n 
A 1 11  SER 11  10 ?  ?   ?   A . n 
A 1 12  SER 12  11 11 SER SER A . n 
A 1 13  GLY 13  12 12 GLY GLY A . n 
A 1 14  LEU 14  13 13 LEU LEU A . n 
A 1 15  VAL 15  14 14 VAL VAL A . n 
A 1 16  PRO 16  15 15 PRO PRO A . n 
A 1 17  ARG 17  16 16 ARG ARG A . n 
A 1 18  GLY 18  17 17 GLY GLY A . n 
A 1 19  SER 19  18 18 SER SER A . n 
A 1 20  PRO 20  19 19 PRO PRO A . n 
A 1 21  HIS 21  20 20 HIS HIS A . n 
A 1 22  LEU 22  21 21 LEU LEU A . n 
A 1 23  ILE 23  22 22 ILE ILE A . n 
A 1 24  LYS 24  23 23 LYS LYS A . n 
A 1 25  VAL 25  24 24 VAL VAL A . n 
A 1 26  THR 26  25 25 THR THR A . n 
A 1 27  VAL 27  26 26 VAL VAL A . n 
A 1 28  LYS 28  27 27 LYS LYS A . n 
A 1 29  THR 29  28 28 THR THR A . n 
A 1 30  PRO 30  29 29 PRO PRO A . n 
A 1 31  LYS 31  30 30 LYS LYS A . n 
A 1 32  ASP 32  31 31 ASP ASP A . n 
A 1 33  LYS 33  32 32 LYS LYS A . n 
A 1 34  GLU 34  33 33 GLU GLU A . n 
A 1 35  ASP 35  34 34 ASP ASP A . n 
A 1 36  PHE 36  35 35 PHE PHE A . n 
A 1 37  SER 37  36 36 SER SER A . n 
A 1 38  VAL 38  37 37 VAL VAL A . n 
A 1 39  THR 39  38 38 THR THR A . n 
A 1 40  ASP 40  39 39 ASP ASP A . n 
A 1 41  THR 41  40 40 THR THR A . n 
A 1 42  CYS 42  41 41 CYS CYS A . n 
A 1 43  THR 43  42 42 THR THR A . n 
A 1 44  ILE 44  43 43 ILE ILE A . n 
A 1 45  GLN 45  44 44 GLN GLN A . n 
A 1 46  GLN 46  45 45 GLN GLN A . n 
A 1 47  LEU 47  46 46 LEU LEU A . n 
A 1 48  LYS 48  47 47 LYS LYS A . n 
A 1 49  GLU 49  48 48 GLU GLU A . n 
A 1 50  GLU 50  49 49 GLU GLU A . n 
A 1 51  ILE 51  50 50 ILE ILE A . n 
A 1 52  SER 52  51 51 SER SER A . n 
A 1 53  GLN 53  52 52 GLN GLN A . n 
A 1 54  ARG 54  53 53 ARG ARG A . n 
A 1 55  PHE 55  54 54 PHE PHE A . n 
A 1 56  LYS 56  55 55 LYS LYS A . n 
A 1 57  ALA 57  56 56 ALA ALA A . n 
A 1 58  HIS 58  57 57 HIS HIS A . n 
A 1 59  PRO 59  58 58 PRO PRO A . n 
A 1 60  ASP 60  59 59 ASP ASP A . n 
A 1 61  GLN 61  60 60 GLN GLN A . n 
A 1 62  LEU 62  61 61 LEU LEU A . n 
A 1 63  VAL 63  62 62 VAL VAL A . n 
A 1 64  LEU 64  63 63 LEU LEU A . n 
A 1 65  ILE 65  64 64 ILE ILE A . n 
A 1 66  PHE 66  65 65 PHE PHE A . n 
A 1 67  ALA 67  66 66 ALA ALA A . n 
A 1 68  GLY 68  67 67 GLY GLY A . n 
A 1 69  LYS 69  68 68 LYS LYS A . n 
A 1 70  ILE 70  69 69 ILE ILE A . n 
A 1 71  LEU 71  70 70 LEU LEU A . n 
A 1 72  LYS 72  71 71 LYS LYS A . n 
A 1 73  ASP 73  72 72 ASP ASP A . n 
A 1 74  PRO 74  73 73 PRO PRO A . n 
A 1 75  ASP 75  74 74 ASP ASP A . n 
A 1 76  SER 76  75 75 SER SER A . n 
A 1 77  LEU 77  76 76 LEU LEU A . n 
A 1 78  ALA 78  77 77 ALA ALA A . n 
A 1 79  GLN 79  78 78 GLN GLN A . n 
A 1 80  CYS 80  79 79 CYS CYS A . n 
A 1 81  GLY 81  80 80 GLY GLY A . n 
A 1 82  VAL 82  81 81 VAL VAL A . n 
A 1 83  ARG 83  82 82 ARG ARG A . n 
A 1 84  ASP 84  83 83 ASP ASP A . n 
A 1 85  GLY 85  84 84 GLY GLY A . n 
A 1 86  LEU 86  85 85 LEU LEU A . n 
A 1 87  THR 87  86 86 THR THR A . n 
A 1 88  VAL 88  87 87 VAL VAL A . n 
A 1 89  HIS 89  88 88 HIS HIS A . n 
A 1 90  LEU 90  89 89 LEU LEU A . n 
A 1 91  VAL 91  90 90 VAL VAL A . n 
A 1 92  ILE 92  91 91 ILE ILE A . n 
A 1 93  LYS 93  92 92 LYS LYS A . n 
A 1 94  ARG 94  93 93 ARG ARG A . n 
A 1 95  GLN 95  94 94 GLN GLN A . n 
A 1 96  HIS 96  95 95 HIS HIS A . n 
A 1 97  ARG 97  96 96 ARG ARG A . n 
A 1 98  ALA 98  97 97 ALA ALA A . n 
A 1 99  MET 99  98 98 MET MET A . n 
A 1 100 GLY 100 99 ?  ?   ?   A . n 
# 
_pdbx_SG_project.id                    1 
_pdbx_SG_project.project_name          ? 
_pdbx_SG_project.full_name_of_center   'Structural Genomics Consortium' 
_pdbx_SG_project.initial_of_center     SGC 
# 
loop_
_pdbx_nonpoly_scheme.asym_id 
_pdbx_nonpoly_scheme.entity_id 
_pdbx_nonpoly_scheme.mon_id 
_pdbx_nonpoly_scheme.ndb_seq_num 
_pdbx_nonpoly_scheme.pdb_seq_num 
_pdbx_nonpoly_scheme.auth_seq_num 
_pdbx_nonpoly_scheme.pdb_mon_id 
_pdbx_nonpoly_scheme.auth_mon_id 
_pdbx_nonpoly_scheme.pdb_strand_id 
_pdbx_nonpoly_scheme.pdb_ins_code 
B 2 HOH 1  100 1  HOH HOH A . 
B 2 HOH 2  101 2  HOH HOH A . 
B 2 HOH 3  102 3  HOH HOH A . 
B 2 HOH 4  103 4  HOH HOH A . 
B 2 HOH 5  104 5  HOH HOH A . 
B 2 HOH 6  105 6  HOH HOH A . 
B 2 HOH 7  106 7  HOH HOH A . 
B 2 HOH 8  107 8  HOH HOH A . 
B 2 HOH 9  108 9  HOH HOH A . 
B 2 HOH 10 109 10 HOH HOH A . 
B 2 HOH 11 110 11 HOH HOH A . 
B 2 HOH 12 111 12 HOH HOH A . 
B 2 HOH 13 112 13 HOH HOH A . 
B 2 HOH 14 113 14 HOH HOH A . 
B 2 HOH 15 114 15 HOH HOH A . 
B 2 HOH 16 115 16 HOH HOH A . 
B 2 HOH 17 116 17 HOH HOH A . 
B 2 HOH 18 117 18 HOH HOH A . 
B 2 HOH 19 118 19 HOH HOH A . 
B 2 HOH 20 119 20 HOH HOH A . 
B 2 HOH 21 120 21 HOH HOH A . 
B 2 HOH 22 121 22 HOH HOH A . 
B 2 HOH 23 122 23 HOH HOH A . 
B 2 HOH 24 123 24 HOH HOH A . 
B 2 HOH 25 124 25 HOH HOH A . 
B 2 HOH 26 125 26 HOH HOH A . 
B 2 HOH 27 126 27 HOH HOH A . 
B 2 HOH 28 127 28 HOH HOH A . 
B 2 HOH 29 128 29 HOH HOH A . 
B 2 HOH 30 129 30 HOH HOH A . 
B 2 HOH 31 130 31 HOH HOH A . 
B 2 HOH 32 131 32 HOH HOH A . 
B 2 HOH 33 132 33 HOH HOH A . 
B 2 HOH 34 133 34 HOH HOH A . 
B 2 HOH 35 134 35 HOH HOH A . 
B 2 HOH 36 135 36 HOH HOH A . 
B 2 HOH 37 136 37 HOH HOH A . 
B 2 HOH 38 137 38 HOH HOH A . 
B 2 HOH 39 138 39 HOH HOH A . 
B 2 HOH 40 139 40 HOH HOH A . 
B 2 HOH 41 140 41 HOH HOH A . 
B 2 HOH 42 141 42 HOH HOH A . 
B 2 HOH 43 142 43 HOH HOH A . 
B 2 HOH 44 143 44 HOH HOH A . 
B 2 HOH 45 144 45 HOH HOH A . 
B 2 HOH 46 145 46 HOH HOH A . 
B 2 HOH 47 146 47 HOH HOH A . 
B 2 HOH 48 147 48 HOH HOH A . 
B 2 HOH 49 148 49 HOH HOH A . 
B 2 HOH 50 149 50 HOH HOH A . 
B 2 HOH 51 150 51 HOH HOH A . 
B 2 HOH 52 151 52 HOH HOH A . 
B 2 HOH 53 152 53 HOH HOH A . 
B 2 HOH 54 153 54 HOH HOH A . 
B 2 HOH 55 154 55 HOH HOH A . 
B 2 HOH 56 155 56 HOH HOH A . 
B 2 HOH 57 156 57 HOH HOH A . 
# 
_pdbx_struct_assembly.id                   1 
_pdbx_struct_assembly.details              author_defined_assembly 
_pdbx_struct_assembly.method_details       ? 
_pdbx_struct_assembly.oligomeric_details   monomeric 
_pdbx_struct_assembly.oligomeric_count     1 
# 
_pdbx_struct_assembly_gen.assembly_id       1 
_pdbx_struct_assembly_gen.oper_expression   1 
_pdbx_struct_assembly_gen.asym_id_list      A,B 
# 
_pdbx_struct_oper_list.id                   1 
_pdbx_struct_oper_list.type                 'identity operation' 
_pdbx_struct_oper_list.name                 1_555 
_pdbx_struct_oper_list.symmetry_operation   x,y,z 
_pdbx_struct_oper_list.matrix[1][1]         1.0000000000 
_pdbx_struct_oper_list.matrix[1][2]         0.0000000000 
_pdbx_struct_oper_list.matrix[1][3]         0.0000000000 
_pdbx_struct_oper_list.vector[1]            0.0000000000 
_pdbx_struct_oper_list.matrix[2][1]         0.0000000000 
_pdbx_struct_oper_list.matrix[2][2]         1.0000000000 
_pdbx_struct_oper_list.matrix[2][3]         0.0000000000 
_pdbx_struct_oper_list.vector[2]            0.0000000000 
_pdbx_struct_oper_list.matrix[3][1]         0.0000000000 
_pdbx_struct_oper_list.matrix[3][2]         0.0000000000 
_pdbx_struct_oper_list.matrix[3][3]         1.0000000000 
_pdbx_struct_oper_list.vector[3]            0.0000000000 
# 
_pdbx_struct_special_symmetry.id              1 
_pdbx_struct_special_symmetry.PDB_model_num   1 
_pdbx_struct_special_symmetry.auth_asym_id    A 
_pdbx_struct_special_symmetry.auth_comp_id    HOH 
_pdbx_struct_special_symmetry.auth_seq_id     113 
_pdbx_struct_special_symmetry.PDB_ins_code    ? 
_pdbx_struct_special_symmetry.label_asym_id   B 
_pdbx_struct_special_symmetry.label_comp_id   HOH 
_pdbx_struct_special_symmetry.label_seq_id    . 
# 
loop_
_pdbx_audit_revision_history.ordinal 
_pdbx_audit_revision_history.data_content_type 
_pdbx_audit_revision_history.major_revision 
_pdbx_audit_revision_history.minor_revision 
_pdbx_audit_revision_history.revision_date 
1 'Structure model' 1 0 2005-02-08 
2 'Structure model' 1 1 2008-04-30 
3 'Structure model' 1 2 2011-07-13 
4 'Structure model' 1 3 2023-08-23 
# 
_pdbx_audit_revision_details.ordinal             1 
_pdbx_audit_revision_details.revision_ordinal    1 
_pdbx_audit_revision_details.data_content_type   'Structure model' 
_pdbx_audit_revision_details.provider            repository 
_pdbx_audit_revision_details.type                'Initial release' 
_pdbx_audit_revision_details.description         ? 
_pdbx_audit_revision_details.details             ? 
# 
loop_
_pdbx_audit_revision_group.ordinal 
_pdbx_audit_revision_group.revision_ordinal 
_pdbx_audit_revision_group.data_content_type 
_pdbx_audit_revision_group.group 
1 2 'Structure model' 'Version format compliance' 
2 3 'Structure model' 'Version format compliance' 
3 4 'Structure model' 'Data collection'           
4 4 'Structure model' 'Database references'       
5 4 'Structure model' 'Refinement description'    
# 
loop_
_pdbx_audit_revision_category.ordinal 
_pdbx_audit_revision_category.revision_ordinal 
_pdbx_audit_revision_category.data_content_type 
_pdbx_audit_revision_category.category 
1 4 'Structure model' chem_comp_atom                
2 4 'Structure model' chem_comp_bond                
3 4 'Structure model' database_2                    
4 4 'Structure model' pdbx_initial_refinement_model 
5 4 'Structure model' struct_ref_seq_dif            
# 
loop_
_pdbx_audit_revision_item.ordinal 
_pdbx_audit_revision_item.revision_ordinal 
_pdbx_audit_revision_item.data_content_type 
_pdbx_audit_revision_item.item 
1 4 'Structure model' '_database_2.pdbx_DOI'                
2 4 'Structure model' '_database_2.pdbx_database_accession' 
3 4 'Structure model' '_struct_ref_seq_dif.details'         
# 
loop_
_software.name 
_software.classification 
_software.version 
_software.citation_id 
_software.pdbx_ordinal 
REFMAC    refinement       5.2.0005 ? 1 
DENZO     'data reduction' .        ? 2 
SCALEPACK 'data scaling'   .        ? 3 
PHASER    phasing          .        ? 4 
# 
_pdbx_validate_close_contact.id               1 
_pdbx_validate_close_contact.PDB_model_num    1 
_pdbx_validate_close_contact.auth_atom_id_1   NH1 
_pdbx_validate_close_contact.auth_asym_id_1   A 
_pdbx_validate_close_contact.auth_comp_id_1   ARG 
_pdbx_validate_close_contact.auth_seq_id_1    82 
_pdbx_validate_close_contact.PDB_ins_code_1   ? 
_pdbx_validate_close_contact.label_alt_id_1   ? 
_pdbx_validate_close_contact.auth_atom_id_2   O 
_pdbx_validate_close_contact.auth_asym_id_2   A 
_pdbx_validate_close_contact.auth_comp_id_2   HOH 
_pdbx_validate_close_contact.auth_seq_id_2    151 
_pdbx_validate_close_contact.PDB_ins_code_2   ? 
_pdbx_validate_close_contact.label_alt_id_2   ? 
_pdbx_validate_close_contact.dist             2.14 
# 
_pdbx_validate_rmsd_angle.id                         1 
_pdbx_validate_rmsd_angle.PDB_model_num              1 
_pdbx_validate_rmsd_angle.auth_atom_id_1             NE 
_pdbx_validate_rmsd_angle.auth_asym_id_1             A 
_pdbx_validate_rmsd_angle.auth_comp_id_1             ARG 
_pdbx_validate_rmsd_angle.auth_seq_id_1              53 
_pdbx_validate_rmsd_angle.PDB_ins_code_1             ? 
_pdbx_validate_rmsd_angle.label_alt_id_1             ? 
_pdbx_validate_rmsd_angle.auth_atom_id_2             CZ 
_pdbx_validate_rmsd_angle.auth_asym_id_2             A 
_pdbx_validate_rmsd_angle.auth_comp_id_2             ARG 
_pdbx_validate_rmsd_angle.auth_seq_id_2              53 
_pdbx_validate_rmsd_angle.PDB_ins_code_2             ? 
_pdbx_validate_rmsd_angle.label_alt_id_2             ? 
_pdbx_validate_rmsd_angle.auth_atom_id_3             NH2 
_pdbx_validate_rmsd_angle.auth_asym_id_3             A 
_pdbx_validate_rmsd_angle.auth_comp_id_3             ARG 
_pdbx_validate_rmsd_angle.auth_seq_id_3              53 
_pdbx_validate_rmsd_angle.PDB_ins_code_3             ? 
_pdbx_validate_rmsd_angle.label_alt_id_3             ? 
_pdbx_validate_rmsd_angle.angle_value                116.89 
_pdbx_validate_rmsd_angle.angle_target_value         120.30 
_pdbx_validate_rmsd_angle.angle_deviation            -3.41 
_pdbx_validate_rmsd_angle.angle_standard_deviation   0.50 
_pdbx_validate_rmsd_angle.linker_flag                N 
# 
_pdbx_validate_torsion.id              1 
_pdbx_validate_torsion.PDB_model_num   1 
_pdbx_validate_torsion.auth_comp_id    LYS 
_pdbx_validate_torsion.auth_asym_id    A 
_pdbx_validate_torsion.auth_seq_id     55 
_pdbx_validate_torsion.PDB_ins_code    ? 
_pdbx_validate_torsion.label_alt_id    ? 
_pdbx_validate_torsion.phi             62.46 
_pdbx_validate_torsion.psi             63.47 
# 
loop_
_pdbx_unobs_or_zero_occ_residues.id 
_pdbx_unobs_or_zero_occ_residues.PDB_model_num 
_pdbx_unobs_or_zero_occ_residues.polymer_flag 
_pdbx_unobs_or_zero_occ_residues.occupancy_flag 
_pdbx_unobs_or_zero_occ_residues.auth_asym_id 
_pdbx_unobs_or_zero_occ_residues.auth_comp_id 
_pdbx_unobs_or_zero_occ_residues.auth_seq_id 
_pdbx_unobs_or_zero_occ_residues.PDB_ins_code 
_pdbx_unobs_or_zero_occ_residues.label_asym_id 
_pdbx_unobs_or_zero_occ_residues.label_comp_id 
_pdbx_unobs_or_zero_occ_residues.label_seq_id 
1  1 Y 1 A MET 0  ? A MET 1   
2  1 Y 1 A GLY 1  ? A GLY 2   
3  1 Y 1 A SER 2  ? A SER 3   
4  1 Y 1 A SER 3  ? A SER 4   
5  1 Y 1 A HIS 4  ? A HIS 5   
6  1 Y 1 A HIS 5  ? A HIS 6   
7  1 Y 1 A HIS 6  ? A HIS 7   
8  1 Y 1 A HIS 7  ? A HIS 8   
9  1 Y 1 A HIS 8  ? A HIS 9   
10 1 Y 1 A HIS 9  ? A HIS 10  
11 1 Y 1 A SER 10 ? A SER 11  
12 1 Y 1 A GLY 99 ? A GLY 100 
# 
loop_
_chem_comp_atom.comp_id 
_chem_comp_atom.atom_id 
_chem_comp_atom.type_symbol 
_chem_comp_atom.pdbx_aromatic_flag 
_chem_comp_atom.pdbx_stereo_config 
_chem_comp_atom.pdbx_ordinal 
ALA N    N N N 1   
ALA CA   C N S 2   
ALA C    C N N 3   
ALA O    O N N 4   
ALA CB   C N N 5   
ALA OXT  O N N 6   
ALA H    H N N 7   
ALA H2   H N N 8   
ALA HA   H N N 9   
ALA HB1  H N N 10  
ALA HB2  H N N 11  
ALA HB3  H N N 12  
ALA HXT  H N N 13  
ARG N    N N N 14  
ARG CA   C N S 15  
ARG C    C N N 16  
ARG O    O N N 17  
ARG CB   C N N 18  
ARG CG   C N N 19  
ARG CD   C N N 20  
ARG NE   N N N 21  
ARG CZ   C N N 22  
ARG NH1  N N N 23  
ARG NH2  N N N 24  
ARG OXT  O N N 25  
ARG H    H N N 26  
ARG H2   H N N 27  
ARG HA   H N N 28  
ARG HB2  H N N 29  
ARG HB3  H N N 30  
ARG HG2  H N N 31  
ARG HG3  H N N 32  
ARG HD2  H N N 33  
ARG HD3  H N N 34  
ARG HE   H N N 35  
ARG HH11 H N N 36  
ARG HH12 H N N 37  
ARG HH21 H N N 38  
ARG HH22 H N N 39  
ARG HXT  H N N 40  
ASP N    N N N 41  
ASP CA   C N S 42  
ASP C    C N N 43  
ASP O    O N N 44  
ASP CB   C N N 45  
ASP CG   C N N 46  
ASP OD1  O N N 47  
ASP OD2  O N N 48  
ASP OXT  O N N 49  
ASP H    H N N 50  
ASP H2   H N N 51  
ASP HA   H N N 52  
ASP HB2  H N N 53  
ASP HB3  H N N 54  
ASP HD2  H N N 55  
ASP HXT  H N N 56  
CYS N    N N N 57  
CYS CA   C N R 58  
CYS C    C N N 59  
CYS O    O N N 60  
CYS CB   C N N 61  
CYS SG   S N N 62  
CYS OXT  O N N 63  
CYS H    H N N 64  
CYS H2   H N N 65  
CYS HA   H N N 66  
CYS HB2  H N N 67  
CYS HB3  H N N 68  
CYS HG   H N N 69  
CYS HXT  H N N 70  
GLN N    N N N 71  
GLN CA   C N S 72  
GLN C    C N N 73  
GLN O    O N N 74  
GLN CB   C N N 75  
GLN CG   C N N 76  
GLN CD   C N N 77  
GLN OE1  O N N 78  
GLN NE2  N N N 79  
GLN OXT  O N N 80  
GLN H    H N N 81  
GLN H2   H N N 82  
GLN HA   H N N 83  
GLN HB2  H N N 84  
GLN HB3  H N N 85  
GLN HG2  H N N 86  
GLN HG3  H N N 87  
GLN HE21 H N N 88  
GLN HE22 H N N 89  
GLN HXT  H N N 90  
GLU N    N N N 91  
GLU CA   C N S 92  
GLU C    C N N 93  
GLU O    O N N 94  
GLU CB   C N N 95  
GLU CG   C N N 96  
GLU CD   C N N 97  
GLU OE1  O N N 98  
GLU OE2  O N N 99  
GLU OXT  O N N 100 
GLU H    H N N 101 
GLU H2   H N N 102 
GLU HA   H N N 103 
GLU HB2  H N N 104 
GLU HB3  H N N 105 
GLU HG2  H N N 106 
GLU HG3  H N N 107 
GLU HE2  H N N 108 
GLU HXT  H N N 109 
GLY N    N N N 110 
GLY CA   C N N 111 
GLY C    C N N 112 
GLY O    O N N 113 
GLY OXT  O N N 114 
GLY H    H N N 115 
GLY H2   H N N 116 
GLY HA2  H N N 117 
GLY HA3  H N N 118 
GLY HXT  H N N 119 
HIS N    N N N 120 
HIS CA   C N S 121 
HIS C    C N N 122 
HIS O    O N N 123 
HIS CB   C N N 124 
HIS CG   C Y N 125 
HIS ND1  N Y N 126 
HIS CD2  C Y N 127 
HIS CE1  C Y N 128 
HIS NE2  N Y N 129 
HIS OXT  O N N 130 
HIS H    H N N 131 
HIS H2   H N N 132 
HIS HA   H N N 133 
HIS HB2  H N N 134 
HIS HB3  H N N 135 
HIS HD1  H N N 136 
HIS HD2  H N N 137 
HIS HE1  H N N 138 
HIS HE2  H N N 139 
HIS HXT  H N N 140 
HOH O    O N N 141 
HOH H1   H N N 142 
HOH H2   H N N 143 
ILE N    N N N 144 
ILE CA   C N S 145 
ILE C    C N N 146 
ILE O    O N N 147 
ILE CB   C N S 148 
ILE CG1  C N N 149 
ILE CG2  C N N 150 
ILE CD1  C N N 151 
ILE OXT  O N N 152 
ILE H    H N N 153 
ILE H2   H N N 154 
ILE HA   H N N 155 
ILE HB   H N N 156 
ILE HG12 H N N 157 
ILE HG13 H N N 158 
ILE HG21 H N N 159 
ILE HG22 H N N 160 
ILE HG23 H N N 161 
ILE HD11 H N N 162 
ILE HD12 H N N 163 
ILE HD13 H N N 164 
ILE HXT  H N N 165 
LEU N    N N N 166 
LEU CA   C N S 167 
LEU C    C N N 168 
LEU O    O N N 169 
LEU CB   C N N 170 
LEU CG   C N N 171 
LEU CD1  C N N 172 
LEU CD2  C N N 173 
LEU OXT  O N N 174 
LEU H    H N N 175 
LEU H2   H N N 176 
LEU HA   H N N 177 
LEU HB2  H N N 178 
LEU HB3  H N N 179 
LEU HG   H N N 180 
LEU HD11 H N N 181 
LEU HD12 H N N 182 
LEU HD13 H N N 183 
LEU HD21 H N N 184 
LEU HD22 H N N 185 
LEU HD23 H N N 186 
LEU HXT  H N N 187 
LYS N    N N N 188 
LYS CA   C N S 189 
LYS C    C N N 190 
LYS O    O N N 191 
LYS CB   C N N 192 
LYS CG   C N N 193 
LYS CD   C N N 194 
LYS CE   C N N 195 
LYS NZ   N N N 196 
LYS OXT  O N N 197 
LYS H    H N N 198 
LYS H2   H N N 199 
LYS HA   H N N 200 
LYS HB2  H N N 201 
LYS HB3  H N N 202 
LYS HG2  H N N 203 
LYS HG3  H N N 204 
LYS HD2  H N N 205 
LYS HD3  H N N 206 
LYS HE2  H N N 207 
LYS HE3  H N N 208 
LYS HZ1  H N N 209 
LYS HZ2  H N N 210 
LYS HZ3  H N N 211 
LYS HXT  H N N 212 
MET N    N N N 213 
MET CA   C N S 214 
MET C    C N N 215 
MET O    O N N 216 
MET CB   C N N 217 
MET CG   C N N 218 
MET SD   S N N 219 
MET CE   C N N 220 
MET OXT  O N N 221 
MET H    H N N 222 
MET H2   H N N 223 
MET HA   H N N 224 
MET HB2  H N N 225 
MET HB3  H N N 226 
MET HG2  H N N 227 
MET HG3  H N N 228 
MET HE1  H N N 229 
MET HE2  H N N 230 
MET HE3  H N N 231 
MET HXT  H N N 232 
PHE N    N N N 233 
PHE CA   C N S 234 
PHE C    C N N 235 
PHE O    O N N 236 
PHE CB   C N N 237 
PHE CG   C Y N 238 
PHE CD1  C Y N 239 
PHE CD2  C Y N 240 
PHE CE1  C Y N 241 
PHE CE2  C Y N 242 
PHE CZ   C Y N 243 
PHE OXT  O N N 244 
PHE H    H N N 245 
PHE H2   H N N 246 
PHE HA   H N N 247 
PHE HB2  H N N 248 
PHE HB3  H N N 249 
PHE HD1  H N N 250 
PHE HD2  H N N 251 
PHE HE1  H N N 252 
PHE HE2  H N N 253 
PHE HZ   H N N 254 
PHE HXT  H N N 255 
PRO N    N N N 256 
PRO CA   C N S 257 
PRO C    C N N 258 
PRO O    O N N 259 
PRO CB   C N N 260 
PRO CG   C N N 261 
PRO CD   C N N 262 
PRO OXT  O N N 263 
PRO H    H N N 264 
PRO HA   H N N 265 
PRO HB2  H N N 266 
PRO HB3  H N N 267 
PRO HG2  H N N 268 
PRO HG3  H N N 269 
PRO HD2  H N N 270 
PRO HD3  H N N 271 
PRO HXT  H N N 272 
SER N    N N N 273 
SER CA   C N S 274 
SER C    C N N 275 
SER O    O N N 276 
SER CB   C N N 277 
SER OG   O N N 278 
SER OXT  O N N 279 
SER H    H N N 280 
SER H2   H N N 281 
SER HA   H N N 282 
SER HB2  H N N 283 
SER HB3  H N N 284 
SER HG   H N N 285 
SER HXT  H N N 286 
THR N    N N N 287 
THR CA   C N S 288 
THR C    C N N 289 
THR O    O N N 290 
THR CB   C N R 291 
THR OG1  O N N 292 
THR CG2  C N N 293 
THR OXT  O N N 294 
THR H    H N N 295 
THR H2   H N N 296 
THR HA   H N N 297 
THR HB   H N N 298 
THR HG1  H N N 299 
THR HG21 H N N 300 
THR HG22 H N N 301 
THR HG23 H N N 302 
THR HXT  H N N 303 
VAL N    N N N 304 
VAL CA   C N S 305 
VAL C    C N N 306 
VAL O    O N N 307 
VAL CB   C N N 308 
VAL CG1  C N N 309 
VAL CG2  C N N 310 
VAL OXT  O N N 311 
VAL H    H N N 312 
VAL H2   H N N 313 
VAL HA   H N N 314 
VAL HB   H N N 315 
VAL HG11 H N N 316 
VAL HG12 H N N 317 
VAL HG13 H N N 318 
VAL HG21 H N N 319 
VAL HG22 H N N 320 
VAL HG23 H N N 321 
VAL HXT  H N N 322 
# 
loop_
_chem_comp_bond.comp_id 
_chem_comp_bond.atom_id_1 
_chem_comp_bond.atom_id_2 
_chem_comp_bond.value_order 
_chem_comp_bond.pdbx_aromatic_flag 
_chem_comp_bond.pdbx_stereo_config 
_chem_comp_bond.pdbx_ordinal 
ALA N   CA   sing N N 1   
ALA N   H    sing N N 2   
ALA N   H2   sing N N 3   
ALA CA  C    sing N N 4   
ALA CA  CB   sing N N 5   
ALA CA  HA   sing N N 6   
ALA C   O    doub N N 7   
ALA C   OXT  sing N N 8   
ALA CB  HB1  sing N N 9   
ALA CB  HB2  sing N N 10  
ALA CB  HB3  sing N N 11  
ALA OXT HXT  sing N N 12  
ARG N   CA   sing N N 13  
ARG N   H    sing N N 14  
ARG N   H2   sing N N 15  
ARG CA  C    sing N N 16  
ARG CA  CB   sing N N 17  
ARG CA  HA   sing N N 18  
ARG C   O    doub N N 19  
ARG C   OXT  sing N N 20  
ARG CB  CG   sing N N 21  
ARG CB  HB2  sing N N 22  
ARG CB  HB3  sing N N 23  
ARG CG  CD   sing N N 24  
ARG CG  HG2  sing N N 25  
ARG CG  HG3  sing N N 26  
ARG CD  NE   sing N N 27  
ARG CD  HD2  sing N N 28  
ARG CD  HD3  sing N N 29  
ARG NE  CZ   sing N N 30  
ARG NE  HE   sing N N 31  
ARG CZ  NH1  sing N N 32  
ARG CZ  NH2  doub N N 33  
ARG NH1 HH11 sing N N 34  
ARG NH1 HH12 sing N N 35  
ARG NH2 HH21 sing N N 36  
ARG NH2 HH22 sing N N 37  
ARG OXT HXT  sing N N 38  
ASP N   CA   sing N N 39  
ASP N   H    sing N N 40  
ASP N   H2   sing N N 41  
ASP CA  C    sing N N 42  
ASP CA  CB   sing N N 43  
ASP CA  HA   sing N N 44  
ASP C   O    doub N N 45  
ASP C   OXT  sing N N 46  
ASP CB  CG   sing N N 47  
ASP CB  HB2  sing N N 48  
ASP CB  HB3  sing N N 49  
ASP CG  OD1  doub N N 50  
ASP CG  OD2  sing N N 51  
ASP OD2 HD2  sing N N 52  
ASP OXT HXT  sing N N 53  
CYS N   CA   sing N N 54  
CYS N   H    sing N N 55  
CYS N   H2   sing N N 56  
CYS CA  C    sing N N 57  
CYS CA  CB   sing N N 58  
CYS CA  HA   sing N N 59  
CYS C   O    doub N N 60  
CYS C   OXT  sing N N 61  
CYS CB  SG   sing N N 62  
CYS CB  HB2  sing N N 63  
CYS CB  HB3  sing N N 64  
CYS SG  HG   sing N N 65  
CYS OXT HXT  sing N N 66  
GLN N   CA   sing N N 67  
GLN N   H    sing N N 68  
GLN N   H2   sing N N 69  
GLN CA  C    sing N N 70  
GLN CA  CB   sing N N 71  
GLN CA  HA   sing N N 72  
GLN C   O    doub N N 73  
GLN C   OXT  sing N N 74  
GLN CB  CG   sing N N 75  
GLN CB  HB2  sing N N 76  
GLN CB  HB3  sing N N 77  
GLN CG  CD   sing N N 78  
GLN CG  HG2  sing N N 79  
GLN CG  HG3  sing N N 80  
GLN CD  OE1  doub N N 81  
GLN CD  NE2  sing N N 82  
GLN NE2 HE21 sing N N 83  
GLN NE2 HE22 sing N N 84  
GLN OXT HXT  sing N N 85  
GLU N   CA   sing N N 86  
GLU N   H    sing N N 87  
GLU N   H2   sing N N 88  
GLU CA  C    sing N N 89  
GLU CA  CB   sing N N 90  
GLU CA  HA   sing N N 91  
GLU C   O    doub N N 92  
GLU C   OXT  sing N N 93  
GLU CB  CG   sing N N 94  
GLU CB  HB2  sing N N 95  
GLU CB  HB3  sing N N 96  
GLU CG  CD   sing N N 97  
GLU CG  HG2  sing N N 98  
GLU CG  HG3  sing N N 99  
GLU CD  OE1  doub N N 100 
GLU CD  OE2  sing N N 101 
GLU OE2 HE2  sing N N 102 
GLU OXT HXT  sing N N 103 
GLY N   CA   sing N N 104 
GLY N   H    sing N N 105 
GLY N   H2   sing N N 106 
GLY CA  C    sing N N 107 
GLY CA  HA2  sing N N 108 
GLY CA  HA3  sing N N 109 
GLY C   O    doub N N 110 
GLY C   OXT  sing N N 111 
GLY OXT HXT  sing N N 112 
HIS N   CA   sing N N 113 
HIS N   H    sing N N 114 
HIS N   H2   sing N N 115 
HIS CA  C    sing N N 116 
HIS CA  CB   sing N N 117 
HIS CA  HA   sing N N 118 
HIS C   O    doub N N 119 
HIS C   OXT  sing N N 120 
HIS CB  CG   sing N N 121 
HIS CB  HB2  sing N N 122 
HIS CB  HB3  sing N N 123 
HIS CG  ND1  sing Y N 124 
HIS CG  CD2  doub Y N 125 
HIS ND1 CE1  doub Y N 126 
HIS ND1 HD1  sing N N 127 
HIS CD2 NE2  sing Y N 128 
HIS CD2 HD2  sing N N 129 
HIS CE1 NE2  sing Y N 130 
HIS CE1 HE1  sing N N 131 
HIS NE2 HE2  sing N N 132 
HIS OXT HXT  sing N N 133 
HOH O   H1   sing N N 134 
HOH O   H2   sing N N 135 
ILE N   CA   sing N N 136 
ILE N   H    sing N N 137 
ILE N   H2   sing N N 138 
ILE CA  C    sing N N 139 
ILE CA  CB   sing N N 140 
ILE CA  HA   sing N N 141 
ILE C   O    doub N N 142 
ILE C   OXT  sing N N 143 
ILE CB  CG1  sing N N 144 
ILE CB  CG2  sing N N 145 
ILE CB  HB   sing N N 146 
ILE CG1 CD1  sing N N 147 
ILE CG1 HG12 sing N N 148 
ILE CG1 HG13 sing N N 149 
ILE CG2 HG21 sing N N 150 
ILE CG2 HG22 sing N N 151 
ILE CG2 HG23 sing N N 152 
ILE CD1 HD11 sing N N 153 
ILE CD1 HD12 sing N N 154 
ILE CD1 HD13 sing N N 155 
ILE OXT HXT  sing N N 156 
LEU N   CA   sing N N 157 
LEU N   H    sing N N 158 
LEU N   H2   sing N N 159 
LEU CA  C    sing N N 160 
LEU CA  CB   sing N N 161 
LEU CA  HA   sing N N 162 
LEU C   O    doub N N 163 
LEU C   OXT  sing N N 164 
LEU CB  CG   sing N N 165 
LEU CB  HB2  sing N N 166 
LEU CB  HB3  sing N N 167 
LEU CG  CD1  sing N N 168 
LEU CG  CD2  sing N N 169 
LEU CG  HG   sing N N 170 
LEU CD1 HD11 sing N N 171 
LEU CD1 HD12 sing N N 172 
LEU CD1 HD13 sing N N 173 
LEU CD2 HD21 sing N N 174 
LEU CD2 HD22 sing N N 175 
LEU CD2 HD23 sing N N 176 
LEU OXT HXT  sing N N 177 
LYS N   CA   sing N N 178 
LYS N   H    sing N N 179 
LYS N   H2   sing N N 180 
LYS CA  C    sing N N 181 
LYS CA  CB   sing N N 182 
LYS CA  HA   sing N N 183 
LYS C   O    doub N N 184 
LYS C   OXT  sing N N 185 
LYS CB  CG   sing N N 186 
LYS CB  HB2  sing N N 187 
LYS CB  HB3  sing N N 188 
LYS CG  CD   sing N N 189 
LYS CG  HG2  sing N N 190 
LYS CG  HG3  sing N N 191 
LYS CD  CE   sing N N 192 
LYS CD  HD2  sing N N 193 
LYS CD  HD3  sing N N 194 
LYS CE  NZ   sing N N 195 
LYS CE  HE2  sing N N 196 
LYS CE  HE3  sing N N 197 
LYS NZ  HZ1  sing N N 198 
LYS NZ  HZ2  sing N N 199 
LYS NZ  HZ3  sing N N 200 
LYS OXT HXT  sing N N 201 
MET N   CA   sing N N 202 
MET N   H    sing N N 203 
MET N   H2   sing N N 204 
MET CA  C    sing N N 205 
MET CA  CB   sing N N 206 
MET CA  HA   sing N N 207 
MET C   O    doub N N 208 
MET C   OXT  sing N N 209 
MET CB  CG   sing N N 210 
MET CB  HB2  sing N N 211 
MET CB  HB3  sing N N 212 
MET CG  SD   sing N N 213 
MET CG  HG2  sing N N 214 
MET CG  HG3  sing N N 215 
MET SD  CE   sing N N 216 
MET CE  HE1  sing N N 217 
MET CE  HE2  sing N N 218 
MET CE  HE3  sing N N 219 
MET OXT HXT  sing N N 220 
PHE N   CA   sing N N 221 
PHE N   H    sing N N 222 
PHE N   H2   sing N N 223 
PHE CA  C    sing N N 224 
PHE CA  CB   sing N N 225 
PHE CA  HA   sing N N 226 
PHE C   O    doub N N 227 
PHE C   OXT  sing N N 228 
PHE CB  CG   sing N N 229 
PHE CB  HB2  sing N N 230 
PHE CB  HB3  sing N N 231 
PHE CG  CD1  doub Y N 232 
PHE CG  CD2  sing Y N 233 
PHE CD1 CE1  sing Y N 234 
PHE CD1 HD1  sing N N 235 
PHE CD2 CE2  doub Y N 236 
PHE CD2 HD2  sing N N 237 
PHE CE1 CZ   doub Y N 238 
PHE CE1 HE1  sing N N 239 
PHE CE2 CZ   sing Y N 240 
PHE CE2 HE2  sing N N 241 
PHE CZ  HZ   sing N N 242 
PHE OXT HXT  sing N N 243 
PRO N   CA   sing N N 244 
PRO N   CD   sing N N 245 
PRO N   H    sing N N 246 
PRO CA  C    sing N N 247 
PRO CA  CB   sing N N 248 
PRO CA  HA   sing N N 249 
PRO C   O    doub N N 250 
PRO C   OXT  sing N N 251 
PRO CB  CG   sing N N 252 
PRO CB  HB2  sing N N 253 
PRO CB  HB3  sing N N 254 
PRO CG  CD   sing N N 255 
PRO CG  HG2  sing N N 256 
PRO CG  HG3  sing N N 257 
PRO CD  HD2  sing N N 258 
PRO CD  HD3  sing N N 259 
PRO OXT HXT  sing N N 260 
SER N   CA   sing N N 261 
SER N   H    sing N N 262 
SER N   H2   sing N N 263 
SER CA  C    sing N N 264 
SER CA  CB   sing N N 265 
SER CA  HA   sing N N 266 
SER C   O    doub N N 267 
SER C   OXT  sing N N 268 
SER CB  OG   sing N N 269 
SER CB  HB2  sing N N 270 
SER CB  HB3  sing N N 271 
SER OG  HG   sing N N 272 
SER OXT HXT  sing N N 273 
THR N   CA   sing N N 274 
THR N   H    sing N N 275 
THR N   H2   sing N N 276 
THR CA  C    sing N N 277 
THR CA  CB   sing N N 278 
THR CA  HA   sing N N 279 
THR C   O    doub N N 280 
THR C   OXT  sing N N 281 
THR CB  OG1  sing N N 282 
THR CB  CG2  sing N N 283 
THR CB  HB   sing N N 284 
THR OG1 HG1  sing N N 285 
THR CG2 HG21 sing N N 286 
THR CG2 HG22 sing N N 287 
THR CG2 HG23 sing N N 288 
THR OXT HXT  sing N N 289 
VAL N   CA   sing N N 290 
VAL N   H    sing N N 291 
VAL N   H2   sing N N 292 
VAL CA  C    sing N N 293 
VAL CA  CB   sing N N 294 
VAL CA  HA   sing N N 295 
VAL C   O    doub N N 296 
VAL C   OXT  sing N N 297 
VAL CB  CG1  sing N N 298 
VAL CB  CG2  sing N N 299 
VAL CB  HB   sing N N 300 
VAL CG1 HG11 sing N N 301 
VAL CG1 HG12 sing N N 302 
VAL CG1 HG13 sing N N 303 
VAL CG2 HG21 sing N N 304 
VAL CG2 HG22 sing N N 305 
VAL CG2 HG23 sing N N 306 
VAL OXT HXT  sing N N 307 
# 
_pdbx_entity_nonpoly.entity_id   2 
_pdbx_entity_nonpoly.name        water 
_pdbx_entity_nonpoly.comp_id     HOH 
# 
_pdbx_initial_refinement_model.id               1 
_pdbx_initial_refinement_model.entity_id_list   ? 
_pdbx_initial_refinement_model.type             'experimental model' 
_pdbx_initial_refinement_model.source_name      PDB 
_pdbx_initial_refinement_model.accession_code   1XD3 
_pdbx_initial_refinement_model.details          'PDB entry 1XD3' 
# 
